data_4Z13
#
_entry.id   4Z13
#
_cell.length_a   52.880
_cell.length_b   109.750
_cell.length_c   94.760
_cell.angle_alpha   90.00
_cell.angle_beta   96.30
_cell.angle_gamma   90.00
#
_symmetry.space_group_name_H-M   'P 1 21 1'
#
loop_
_entity.id
_entity.type
_entity.pdbx_description
1 polymer 'Aurone synthase'
2 non-polymer 'COPPER (II) ION'
3 non-polymer 'OXYGEN ATOM'
4 non-polymer GLYCEROL
5 non-polymer 6-tungstotellurate(VI)
6 non-polymer 'TUNGSTEN ION'
7 non-polymer TELLURIUM
8 water water
#
_entity_poly.entity_id   1
_entity_poly.type   'polypeptide(L)'
_entity_poly.pdbx_seq_one_letter_code
;MALAPITAPDITSICKDASSGIGNQEGAIRTRKCCPPSLGKKIKDFQFPNDKKVRMRWPAHKGTKKQVDDYRRAIAAMRA
LPDDDPRSFVSQAKIHCAYCNGGYTQVDSGFPDIDIQIHNSWLFFPFHRWYLYFYERILGSLIDEPNFALPYWKWDEPKG
MPISNIFLGDASNPLYDQYRDANHIEDRIVDLDYDGKDKDIPDQQQVACNLSTVYRDLVRNGVDPTSFFGGKYVAGDSPV
ANGDPSVGSVEAGSHTAVHRWVGDPTQPNNEDMGNFYSAGYDPVFYIHHANVDRMWKLWKELRLPGHVDITDPDWLNASY
VFYDENKDLVRVYNKDCVNLDKLKYNFIENSKEVFPWRNSRPPQRRKSAQVATTGDVKTVEQTKFPVRLNQIFKVRVKRP
AVNRTEEEKDQANEVLLIKKIKYDSGKFVKFDVFVNDKLKDGVFTTPCDPEYAGGFAQIPHNDKRSMVMTSTARFGLNEL
LEDTNTEGEEYATVTLVPRTGCEDLTVGEIKIELVPIPKA
;
_entity_poly.pdbx_strand_id   A,B
#
loop_
_chem_comp.id
_chem_comp.type
_chem_comp.name
_chem_comp.formula
CU non-polymer 'COPPER (II) ION' 'Cu 2'
GOL non-polymer GLYCEROL 'C3 H8 O3'
O non-polymer 'OXYGEN ATOM' O
TE non-polymer TELLURIUM Te
TEW non-polymer 6-tungstotellurate(VI) 'O24 Te W6 -6'
W non-polymer 'TUNGSTEN ION' 'W 6'
#
# COMPACT_ATOMS: atom_id res chain seq x y z
N LEU A 3 43.24 24.36 2.22
CA LEU A 3 41.99 24.19 1.49
C LEU A 3 42.26 23.80 0.05
N ALA A 4 41.55 22.79 -0.43
CA ALA A 4 41.75 22.26 -1.79
C ALA A 4 40.42 21.89 -2.46
N PRO A 5 39.51 22.87 -2.58
CA PRO A 5 38.21 22.57 -3.19
C PRO A 5 38.30 22.21 -4.67
N ILE A 6 37.51 21.23 -5.07
CA ILE A 6 37.35 20.86 -6.47
C ILE A 6 36.86 22.05 -7.27
N THR A 7 37.56 22.36 -8.35
CA THR A 7 37.35 23.58 -9.11
C THR A 7 37.33 23.27 -10.60
N ALA A 8 36.19 23.43 -11.25
CA ALA A 8 36.12 23.21 -12.69
C ALA A 8 37.05 24.20 -13.40
N PRO A 9 37.74 23.75 -14.45
CA PRO A 9 38.58 24.70 -15.18
C PRO A 9 37.75 25.51 -16.16
N ASP A 10 38.41 26.30 -17.00
CA ASP A 10 37.72 26.91 -18.12
C ASP A 10 37.32 25.77 -19.06
N ILE A 11 36.06 25.36 -18.95
CA ILE A 11 35.57 24.21 -19.70
C ILE A 11 35.61 24.42 -21.22
N THR A 12 35.88 25.65 -21.65
CA THR A 12 36.03 25.91 -23.09
C THR A 12 37.49 25.93 -23.52
N SER A 13 38.39 25.71 -22.57
CA SER A 13 39.82 25.67 -22.88
C SER A 13 40.45 24.34 -22.52
N ILE A 14 39.96 23.77 -21.42
CA ILE A 14 40.42 22.48 -20.92
C ILE A 14 39.25 21.51 -20.95
N CYS A 15 39.27 20.58 -21.90
CA CYS A 15 38.21 19.60 -22.04
C CYS A 15 38.69 18.53 -22.98
N LYS A 16 38.19 17.31 -22.80
CA LYS A 16 38.57 16.21 -23.66
C LYS A 16 37.40 15.23 -23.74
N ASP A 17 37.36 14.46 -24.83
CA ASP A 17 36.31 13.46 -25.02
C ASP A 17 36.17 12.56 -23.80
N ALA A 18 34.93 12.21 -23.48
CA ALA A 18 34.65 11.34 -22.35
C ALA A 18 35.24 9.95 -22.60
N SER A 19 35.91 9.42 -21.58
CA SER A 19 36.61 8.14 -21.70
C SER A 19 36.40 7.25 -20.49
N SER A 20 35.56 7.71 -19.57
CA SER A 20 35.35 7.02 -18.30
C SER A 20 33.88 6.66 -18.14
N GLY A 21 33.62 5.51 -17.51
CA GLY A 21 32.25 5.11 -17.19
C GLY A 21 31.43 4.59 -18.35
N ILE A 22 32.09 4.34 -19.48
CA ILE A 22 31.41 3.83 -20.67
C ILE A 22 32.00 2.47 -21.04
N GLY A 23 31.29 1.41 -20.65
CA GLY A 23 31.80 0.06 -20.77
C GLY A 23 31.98 -0.41 -22.20
N ASN A 24 31.12 0.05 -23.09
CA ASN A 24 31.21 -0.30 -24.51
C ASN A 24 31.27 0.95 -25.39
N GLN A 25 32.46 1.52 -25.51
CA GLN A 25 32.65 2.73 -26.29
C GLN A 25 32.48 2.43 -27.78
N GLU A 26 32.94 1.26 -28.20
CA GLU A 26 32.82 0.86 -29.60
C GLU A 26 31.37 0.86 -30.06
N GLY A 27 30.47 0.38 -29.21
CA GLY A 27 29.07 0.29 -29.58
C GLY A 27 28.23 1.48 -29.17
N ALA A 28 28.84 2.46 -28.51
CA ALA A 28 28.11 3.60 -27.94
C ALA A 28 27.16 4.26 -28.93
N ILE A 29 25.92 4.44 -28.49
CA ILE A 29 24.85 5.02 -29.31
C ILE A 29 24.93 6.56 -29.39
N ARG A 30 25.45 7.19 -28.34
CA ARG A 30 25.61 8.63 -28.28
C ARG A 30 27.08 8.99 -28.40
N THR A 31 27.36 10.25 -28.70
CA THR A 31 28.75 10.70 -28.87
C THR A 31 29.49 10.74 -27.54
N ARG A 32 30.82 10.62 -27.63
CA ARG A 32 31.70 10.82 -26.48
C ARG A 32 32.37 12.20 -26.55
N LYS A 33 32.09 12.93 -27.63
CA LYS A 33 32.60 14.30 -27.76
C LYS A 33 31.66 15.24 -27.01
N CYS A 34 31.87 15.32 -25.70
CA CYS A 34 30.90 15.94 -24.82
C CYS A 34 31.32 17.35 -24.41
N CYS A 35 32.32 17.92 -25.09
CA CYS A 35 32.84 19.21 -24.67
C CYS A 35 31.89 20.36 -25.04
N PRO A 36 31.79 21.38 -24.18
CA PRO A 36 30.90 22.49 -24.53
C PRO A 36 31.48 23.37 -25.63
N PRO A 37 30.62 24.10 -26.34
CA PRO A 37 31.15 24.96 -27.41
C PRO A 37 32.04 26.08 -26.86
N SER A 38 32.99 26.52 -27.69
CA SER A 38 33.90 27.63 -27.36
C SER A 38 33.46 28.88 -28.11
N LEU A 39 33.00 29.89 -27.38
CA LEU A 39 32.44 31.10 -27.97
C LEU A 39 33.31 32.33 -27.68
N GLY A 40 34.42 32.12 -26.97
CA GLY A 40 35.33 33.20 -26.62
C GLY A 40 34.87 33.99 -25.41
N LYS A 41 33.83 33.52 -24.73
CA LYS A 41 33.29 34.23 -23.58
C LYS A 41 34.28 34.18 -22.41
N LYS A 42 34.28 35.22 -21.60
CA LYS A 42 34.98 35.22 -20.33
C LYS A 42 34.06 34.71 -19.22
N ILE A 43 34.60 33.91 -18.31
CA ILE A 43 33.82 33.34 -17.23
C ILE A 43 33.43 34.43 -16.22
N LYS A 44 32.12 34.55 -15.96
CA LYS A 44 31.59 35.55 -15.03
C LYS A 44 31.24 34.89 -13.71
N ASP A 45 31.32 35.65 -12.62
CA ASP A 45 30.90 35.12 -11.33
C ASP A 45 29.39 35.19 -11.22
N PHE A 46 28.83 34.22 -10.52
CA PHE A 46 27.41 34.12 -10.28
C PHE A 46 26.85 35.34 -9.58
N GLN A 47 25.67 35.76 -10.03
CA GLN A 47 24.91 36.76 -9.30
C GLN A 47 23.57 36.15 -8.96
N PHE A 48 23.08 36.39 -7.74
CA PHE A 48 21.79 35.82 -7.36
C PHE A 48 20.71 36.43 -8.24
N PRO A 49 19.70 35.62 -8.65
CA PRO A 49 18.65 36.06 -9.58
C PRO A 49 17.66 37.06 -8.98
N ASN A 50 17.13 37.94 -9.82
CA ASN A 50 16.21 38.96 -9.37
C ASN A 50 14.77 38.65 -9.77
N ASP A 51 14.48 37.39 -10.03
CA ASP A 51 13.14 36.96 -10.42
C ASP A 51 12.05 37.55 -9.51
N LYS A 52 10.97 38.04 -10.13
CA LYS A 52 9.80 38.51 -9.39
C LYS A 52 9.17 37.39 -8.56
N LYS A 53 8.87 36.28 -9.22
CA LYS A 53 8.21 35.14 -8.57
C LYS A 53 9.15 33.96 -8.39
N VAL A 54 8.81 33.11 -7.43
CA VAL A 54 9.48 31.85 -7.24
C VAL A 54 8.94 30.83 -8.26
N ARG A 55 9.83 30.19 -9.00
CA ARG A 55 9.46 29.16 -9.95
C ARG A 55 8.98 27.93 -9.16
N MET A 56 7.75 27.48 -9.39
CA MET A 56 7.20 26.34 -8.63
C MET A 56 7.18 25.06 -9.46
N ARG A 57 8.16 24.21 -9.21
CA ARG A 57 8.25 22.93 -9.90
C ARG A 57 7.10 22.04 -9.49
N TRP A 58 6.60 21.26 -10.45
CA TRP A 58 5.31 20.58 -10.31
C TRP A 58 5.40 19.07 -10.51
N PRO A 59 4.59 18.28 -9.77
CA PRO A 59 4.65 16.83 -10.01
C PRO A 59 4.30 16.48 -11.45
N ALA A 60 5.15 15.69 -12.11
CA ALA A 60 5.01 15.39 -13.53
C ALA A 60 3.68 14.70 -13.89
N HIS A 61 3.04 14.06 -12.92
CA HIS A 61 1.76 13.40 -13.16
C HIS A 61 0.54 14.27 -12.83
N LYS A 62 0.76 15.50 -12.38
CA LYS A 62 -0.35 16.36 -11.95
C LYS A 62 -0.23 17.81 -12.44
N GLY A 63 0.35 18.01 -13.62
CA GLY A 63 0.54 19.34 -14.14
C GLY A 63 -0.71 19.94 -14.77
N THR A 64 -0.83 21.27 -14.70
CA THR A 64 -1.90 21.97 -15.41
C THR A 64 -1.62 21.87 -16.91
N LYS A 65 -2.63 22.16 -17.72
CA LYS A 65 -2.43 22.15 -19.16
C LYS A 65 -1.31 23.12 -19.57
N LYS A 66 -1.30 24.29 -18.94
CA LYS A 66 -0.26 25.28 -19.21
C LYS A 66 1.13 24.80 -18.81
N GLN A 67 1.24 24.15 -17.64
CA GLN A 67 2.54 23.65 -17.19
C GLN A 67 3.08 22.61 -18.17
N VAL A 68 2.23 21.69 -18.59
CA VAL A 68 2.65 20.65 -19.52
C VAL A 68 2.99 21.26 -20.90
N ASP A 69 2.09 22.07 -21.43
CA ASP A 69 2.30 22.68 -22.74
C ASP A 69 3.55 23.55 -22.83
N ASP A 70 3.79 24.35 -21.79
CA ASP A 70 4.98 25.18 -21.76
C ASP A 70 6.23 24.30 -21.74
N TYR A 71 6.24 23.29 -20.88
CA TYR A 71 7.37 22.37 -20.77
C TYR A 71 7.62 21.68 -22.10
N ARG A 72 6.55 21.20 -22.72
CA ARG A 72 6.65 20.54 -24.02
C ARG A 72 7.16 21.51 -25.07
N ARG A 73 6.61 22.73 -25.07
CA ARG A 73 6.98 23.74 -26.05
C ARG A 73 8.45 24.14 -25.90
N ALA A 74 8.92 24.19 -24.66
CA ALA A 74 10.31 24.56 -24.39
C ALA A 74 11.29 23.47 -24.84
N ILE A 75 10.95 22.20 -24.60
CA ILE A 75 11.84 21.10 -25.02
C ILE A 75 11.87 21.06 -26.53
N ALA A 76 10.73 21.34 -27.14
CA ALA A 76 10.67 21.42 -28.60
C ALA A 76 11.61 22.50 -29.11
N ALA A 77 11.64 23.65 -28.44
CA ALA A 77 12.48 24.75 -28.90
C ALA A 77 13.94 24.39 -28.70
N MET A 78 14.23 23.76 -27.57
CA MET A 78 15.58 23.31 -27.27
C MET A 78 16.07 22.29 -28.30
N ARG A 79 15.18 21.39 -28.71
CA ARG A 79 15.52 20.38 -29.69
C ARG A 79 15.73 20.98 -31.07
N ALA A 80 15.13 22.15 -31.33
CA ALA A 80 15.24 22.77 -32.65
C ALA A 80 16.54 23.57 -32.79
N LEU A 81 17.16 23.91 -31.67
CA LEU A 81 18.37 24.71 -31.72
C LEU A 81 19.50 23.96 -32.42
N PRO A 82 20.36 24.68 -33.14
CA PRO A 82 21.55 24.04 -33.71
C PRO A 82 22.34 23.33 -32.61
N ASP A 83 22.87 22.15 -32.90
CA ASP A 83 23.61 21.37 -31.92
C ASP A 83 24.69 22.20 -31.19
N ASP A 84 25.39 23.05 -31.93
CA ASP A 84 26.55 23.76 -31.39
C ASP A 84 26.17 24.89 -30.46
N ASP A 85 24.88 25.24 -30.45
CA ASP A 85 24.38 26.19 -29.50
C ASP A 85 24.49 25.57 -28.09
N PRO A 86 25.08 26.29 -27.13
CA PRO A 86 25.26 25.70 -25.78
C PRO A 86 23.95 25.43 -25.07
N ARG A 87 22.87 26.01 -25.58
CA ARG A 87 21.54 25.82 -25.01
C ARG A 87 20.81 24.65 -25.64
N SER A 88 21.38 24.10 -26.71
CA SER A 88 20.70 23.07 -27.49
C SER A 88 20.44 21.80 -26.69
N PHE A 89 19.50 21.00 -27.17
CA PHE A 89 19.16 19.71 -26.53
C PHE A 89 20.40 18.84 -26.32
N VAL A 90 21.20 18.73 -27.38
CA VAL A 90 22.41 17.95 -27.34
C VAL A 90 23.48 18.56 -26.41
N SER A 91 23.67 19.88 -26.47
CA SER A 91 24.64 20.54 -25.60
C SER A 91 24.30 20.32 -24.12
N GLN A 92 23.02 20.44 -23.77
CA GLN A 92 22.64 20.25 -22.39
C GLN A 92 22.88 18.79 -21.94
N ALA A 93 22.66 17.83 -22.82
CA ALA A 93 22.91 16.43 -22.46
C ALA A 93 24.40 16.22 -22.25
N LYS A 94 25.21 16.85 -23.09
CA LYS A 94 26.67 16.66 -23.03
C LYS A 94 27.29 17.16 -21.71
N ILE A 95 26.66 18.13 -21.08
CA ILE A 95 27.15 18.64 -19.80
C ILE A 95 27.32 17.52 -18.79
N HIS A 96 26.31 16.66 -18.72
CA HIS A 96 26.36 15.55 -17.78
C HIS A 96 27.53 14.64 -18.12
N CYS A 97 27.68 14.36 -19.42
CA CYS A 97 28.74 13.50 -19.90
C CYS A 97 30.11 14.10 -19.59
N ALA A 98 30.25 15.40 -19.78
CA ALA A 98 31.54 16.05 -19.56
C ALA A 98 31.92 15.93 -18.07
N TYR A 99 30.98 16.21 -17.18
CA TYR A 99 31.29 16.22 -15.75
C TYR A 99 31.33 14.83 -15.11
N CYS A 100 30.64 13.85 -15.71
CA CYS A 100 30.51 12.52 -15.10
C CYS A 100 31.38 11.45 -15.74
N ASN A 101 31.89 11.73 -16.94
CA ASN A 101 32.59 10.72 -17.73
C ASN A 101 33.96 11.17 -18.23
N GLY A 102 34.58 12.08 -17.49
CA GLY A 102 36.01 12.33 -17.64
C GLY A 102 36.37 13.51 -18.53
N GLY A 103 35.48 14.48 -18.64
CA GLY A 103 35.70 15.62 -19.51
C GLY A 103 36.79 16.57 -19.04
N TYR A 104 36.89 16.74 -17.73
CA TYR A 104 37.69 17.80 -17.14
C TYR A 104 38.73 17.30 -16.15
N THR A 105 39.81 18.05 -15.98
CA THR A 105 40.83 17.74 -14.99
C THR A 105 40.87 18.76 -13.86
N GLN A 106 41.71 18.47 -12.87
CA GLN A 106 41.86 19.32 -11.71
C GLN A 106 43.04 20.28 -11.93
N VAL A 107 43.24 20.66 -13.18
CA VAL A 107 44.37 21.53 -13.52
C VAL A 107 44.32 22.83 -12.73
N ASP A 108 43.13 23.41 -12.53
CA ASP A 108 43.04 24.67 -11.80
C ASP A 108 43.45 24.53 -10.34
N SER A 109 43.45 23.30 -9.81
CA SER A 109 43.87 23.06 -8.44
C SER A 109 45.33 22.65 -8.37
N GLY A 110 45.99 22.53 -9.53
CA GLY A 110 47.36 22.09 -9.60
C GLY A 110 47.52 20.60 -9.88
N PHE A 111 46.45 19.94 -10.33
CA PHE A 111 46.51 18.52 -10.64
C PHE A 111 45.95 18.18 -12.03
N PRO A 112 46.69 18.53 -13.09
CA PRO A 112 46.21 18.37 -14.47
C PRO A 112 46.11 16.92 -14.93
N ASP A 113 46.66 15.99 -14.16
CA ASP A 113 46.62 14.57 -14.50
C ASP A 113 45.57 13.82 -13.69
N ILE A 114 44.72 14.54 -12.95
CA ILE A 114 43.59 13.92 -12.25
C ILE A 114 42.28 14.47 -12.77
N ASP A 115 41.34 13.60 -13.14
CA ASP A 115 40.03 14.03 -13.60
C ASP A 115 39.14 14.49 -12.44
N ILE A 116 38.18 15.34 -12.77
CA ILE A 116 37.09 15.67 -11.87
C ILE A 116 35.96 14.67 -12.06
N GLN A 117 35.46 14.11 -10.97
CA GLN A 117 34.24 13.31 -10.97
C GLN A 117 33.30 13.91 -9.92
N ILE A 118 32.12 14.35 -10.32
CA ILE A 118 31.21 14.96 -9.35
C ILE A 118 30.32 13.90 -8.71
N HIS A 119 30.28 12.69 -9.28
CA HIS A 119 29.48 11.61 -8.70
C HIS A 119 30.27 10.88 -7.60
N ASN A 120 29.55 10.03 -6.87
CA ASN A 120 30.05 9.30 -5.69
C ASN A 120 30.92 10.16 -4.77
N SER A 121 30.35 11.31 -4.42
CA SER A 121 30.97 12.22 -3.46
C SER A 121 29.96 13.26 -3.01
N TRP A 122 30.39 14.09 -2.07
CA TRP A 122 29.54 15.15 -1.59
C TRP A 122 29.24 16.23 -2.63
N LEU A 123 29.83 16.13 -3.82
CA LEU A 123 29.51 17.09 -4.89
C LEU A 123 28.22 16.68 -5.65
N PHE A 124 27.75 15.46 -5.38
CA PHE A 124 26.61 14.91 -6.13
C PHE A 124 25.40 15.86 -6.16
N PHE A 125 24.89 16.24 -4.99
CA PHE A 125 23.67 17.05 -4.93
C PHE A 125 23.84 18.47 -5.47
N PRO A 126 24.89 19.20 -5.00
CA PRO A 126 24.97 20.59 -5.46
C PRO A 126 25.29 20.72 -6.95
N PHE A 127 26.09 19.81 -7.50
CA PHE A 127 26.34 19.86 -8.94
C PHE A 127 25.05 19.72 -9.75
N HIS A 128 24.23 18.73 -9.43
CA HIS A 128 23.00 18.52 -10.20
C HIS A 128 22.01 19.66 -9.93
N ARG A 129 22.03 20.24 -8.73
CA ARG A 129 21.22 21.41 -8.45
C ARG A 129 21.55 22.55 -9.42
N TRP A 130 22.84 22.84 -9.57
CA TRP A 130 23.25 23.92 -10.44
C TRP A 130 22.96 23.59 -11.90
N TYR A 131 23.23 22.35 -12.27
CA TYR A 131 22.96 21.85 -13.61
C TYR A 131 21.51 22.17 -13.97
N LEU A 132 20.59 21.79 -13.09
CA LEU A 132 19.17 22.03 -13.33
C LEU A 132 18.74 23.49 -13.24
N TYR A 133 19.42 24.27 -12.41
CA TYR A 133 19.12 25.68 -12.27
C TYR A 133 19.20 26.37 -13.63
N PHE A 134 20.32 26.13 -14.33
CA PHE A 134 20.57 26.78 -15.60
C PHE A 134 19.70 26.19 -16.70
N TYR A 135 19.55 24.87 -16.67
CA TYR A 135 18.70 24.15 -17.63
C TYR A 135 17.28 24.73 -17.65
N GLU A 136 16.70 24.86 -16.47
CA GLU A 136 15.37 25.44 -16.27
C GLU A 136 15.28 26.87 -16.80
N ARG A 137 16.29 27.68 -16.48
CA ARG A 137 16.24 29.07 -16.89
C ARG A 137 16.43 29.19 -18.40
N ILE A 138 17.19 28.26 -18.97
CA ILE A 138 17.36 28.22 -20.42
C ILE A 138 16.02 27.88 -21.08
N LEU A 139 15.37 26.83 -20.58
CA LEU A 139 14.07 26.42 -21.13
C LEU A 139 13.06 27.58 -21.11
N GLY A 140 12.97 28.27 -19.98
CA GLY A 140 12.05 29.38 -19.85
C GLY A 140 12.33 30.48 -20.87
N SER A 141 13.60 30.77 -21.12
CA SER A 141 13.95 31.85 -22.01
C SER A 141 13.54 31.53 -23.44
N LEU A 142 13.63 30.26 -23.81
CA LEU A 142 13.33 29.83 -25.17
C LEU A 142 11.86 30.03 -25.54
N ILE A 143 10.97 30.05 -24.55
CA ILE A 143 9.55 30.24 -24.78
C ILE A 143 9.06 31.55 -24.18
N ASP A 144 10.00 32.39 -23.74
CA ASP A 144 9.69 33.67 -23.13
C ASP A 144 8.70 33.54 -21.97
N GLU A 145 9.00 32.61 -21.07
CA GLU A 145 8.19 32.41 -19.87
C GLU A 145 9.08 32.69 -18.66
N PRO A 146 9.03 33.91 -18.13
CA PRO A 146 9.96 34.29 -17.06
C PRO A 146 9.78 33.47 -15.79
N ASN A 147 8.61 32.87 -15.62
CA ASN A 147 8.29 32.12 -14.43
C ASN A 147 8.24 30.61 -14.68
N PHE A 148 8.90 30.17 -15.76
CA PHE A 148 8.89 28.75 -16.14
C PHE A 148 9.52 27.85 -15.08
N ALA A 149 8.88 26.71 -14.81
CA ALA A 149 9.37 25.74 -13.85
C ALA A 149 9.29 24.33 -14.43
N LEU A 150 10.30 23.53 -14.13
CA LEU A 150 10.34 22.11 -14.49
C LEU A 150 9.31 21.28 -13.72
N PRO A 151 8.89 20.16 -14.31
CA PRO A 151 8.20 19.16 -13.49
C PRO A 151 9.20 18.41 -12.63
N TYR A 152 8.73 17.66 -11.63
CA TYR A 152 9.60 16.71 -10.96
C TYR A 152 8.91 15.35 -10.93
N TRP A 153 9.70 14.29 -11.01
CA TRP A 153 9.17 12.93 -11.02
C TRP A 153 8.96 12.47 -9.60
N LYS A 154 7.73 12.60 -9.14
CA LYS A 154 7.42 12.33 -7.74
C LYS A 154 7.25 10.84 -7.53
N TRP A 155 8.34 10.08 -7.63
CA TRP A 155 8.27 8.62 -7.44
C TRP A 155 8.19 8.25 -5.95
N ASP A 156 8.13 9.27 -5.10
CA ASP A 156 7.79 9.12 -3.69
C ASP A 156 6.26 9.20 -3.45
N GLU A 157 5.49 9.40 -4.52
CA GLU A 157 4.03 9.38 -4.48
C GLU A 157 3.53 8.21 -5.33
N PRO A 158 2.62 7.36 -4.79
CA PRO A 158 2.20 6.19 -5.55
C PRO A 158 1.82 6.48 -7.00
N LYS A 159 0.97 7.48 -7.26
CA LYS A 159 0.56 7.74 -8.63
C LYS A 159 1.69 8.41 -9.44
N GLY A 160 2.70 8.93 -8.74
CA GLY A 160 3.86 9.48 -9.42
C GLY A 160 4.93 8.44 -9.74
N MET A 161 4.69 7.18 -9.38
CA MET A 161 5.74 6.18 -9.52
C MET A 161 5.91 5.67 -10.95
N PRO A 162 4.81 5.46 -11.71
CA PRO A 162 5.07 5.13 -13.11
C PRO A 162 5.63 6.34 -13.85
N ILE A 163 6.25 6.16 -15.00
CA ILE A 163 6.68 7.28 -15.82
C ILE A 163 5.41 8.01 -16.20
N SER A 164 5.37 9.32 -16.00
CA SER A 164 4.19 10.09 -16.35
C SER A 164 3.88 10.00 -17.84
N ASN A 165 2.59 9.95 -18.17
CA ASN A 165 2.21 9.78 -19.56
C ASN A 165 2.61 10.97 -20.43
N ILE A 166 3.00 12.10 -19.82
CA ILE A 166 3.42 13.24 -20.63
C ILE A 166 4.70 12.90 -21.39
N PHE A 167 5.47 11.93 -20.90
CA PHE A 167 6.73 11.52 -21.54
C PHE A 167 6.53 10.45 -22.61
N LEU A 168 5.30 9.96 -22.74
CA LEU A 168 5.07 8.79 -23.58
C LEU A 168 4.53 9.17 -24.96
N GLY A 169 4.47 8.18 -25.84
CA GLY A 169 3.90 8.36 -27.17
C GLY A 169 4.94 8.02 -28.19
N ASP A 170 5.19 8.93 -29.13
CA ASP A 170 6.26 8.75 -30.11
C ASP A 170 7.01 10.07 -30.26
N ALA A 171 7.83 10.18 -31.29
CA ALA A 171 8.72 11.33 -31.45
C ALA A 171 7.97 12.65 -31.71
N SER A 172 6.72 12.57 -32.13
CA SER A 172 5.91 13.78 -32.29
C SER A 172 5.75 14.47 -30.93
N ASN A 173 5.95 13.73 -29.84
CA ASN A 173 6.03 14.30 -28.49
C ASN A 173 7.47 14.65 -28.14
N PRO A 174 7.78 15.94 -27.92
CA PRO A 174 9.15 16.35 -27.60
C PRO A 174 9.73 15.70 -26.35
N LEU A 175 8.88 15.27 -25.41
CA LEU A 175 9.34 14.65 -24.18
C LEU A 175 9.63 13.17 -24.30
N TYR A 176 9.42 12.62 -25.49
CA TYR A 176 9.65 11.20 -25.78
C TYR A 176 11.11 10.89 -26.02
N ASP A 177 11.52 9.70 -25.59
CA ASP A 177 12.83 9.15 -25.92
C ASP A 177 12.64 7.66 -26.25
N GLN A 178 13.12 7.25 -27.43
CA GLN A 178 12.96 5.87 -27.87
C GLN A 178 13.83 4.93 -27.03
N TYR A 179 14.96 5.44 -26.54
CA TYR A 179 15.91 4.58 -25.83
C TYR A 179 15.55 4.48 -24.36
N ARG A 180 14.46 3.76 -24.13
CA ARG A 180 13.95 3.40 -22.82
C ARG A 180 13.62 1.91 -22.79
N ASP A 181 13.66 1.33 -21.59
CA ASP A 181 13.27 -0.07 -21.40
C ASP A 181 11.80 -0.27 -21.80
N ALA A 182 11.59 -1.00 -22.88
CA ALA A 182 10.25 -1.22 -23.42
C ALA A 182 9.32 -1.90 -22.41
N ASN A 183 9.88 -2.66 -21.46
CA ASN A 183 9.07 -3.29 -20.42
C ASN A 183 8.61 -2.33 -19.33
N HIS A 184 9.16 -1.12 -19.28
CA HIS A 184 8.92 -0.22 -18.15
C HIS A 184 8.20 1.08 -18.54
N ILE A 185 7.72 1.18 -19.78
CA ILE A 185 7.03 2.39 -20.23
C ILE A 185 5.52 2.20 -20.38
N GLU A 186 5.03 1.01 -20.02
CA GLU A 186 3.61 0.70 -20.17
C GLU A 186 2.88 0.80 -18.84
N ASP A 187 2.89 1.99 -18.25
CA ASP A 187 2.17 2.25 -16.99
C ASP A 187 2.74 1.44 -15.81
N ARG A 188 3.94 0.88 -15.97
CA ARG A 188 4.53 0.06 -14.94
C ARG A 188 5.05 0.93 -13.80
N ILE A 189 5.01 0.40 -12.59
CA ILE A 189 5.46 1.12 -11.41
C ILE A 189 6.99 1.02 -11.29
N VAL A 190 7.66 2.15 -11.10
CA VAL A 190 9.11 2.15 -11.00
C VAL A 190 9.52 1.29 -9.81
N ASP A 191 10.67 0.64 -9.93
CA ASP A 191 11.26 -0.10 -8.80
C ASP A 191 12.44 0.68 -8.26
N LEU A 192 12.26 1.31 -7.10
CA LEU A 192 13.30 2.17 -6.51
C LEU A 192 14.46 1.37 -5.89
N ASP A 193 14.40 0.05 -5.95
N ASP A 193 14.34 0.04 -5.96
CA ASP A 193 15.53 -0.78 -5.51
CA ASP A 193 15.35 -0.91 -5.46
C ASP A 193 15.79 -1.82 -6.61
C ASP A 193 15.83 -1.82 -6.61
N TYR A 194 15.60 -1.38 -7.84
CA TYR A 194 15.88 -2.18 -9.03
C TYR A 194 17.32 -2.69 -9.12
N ASP A 195 17.49 -3.95 -9.50
CA ASP A 195 18.82 -4.53 -9.62
C ASP A 195 19.08 -5.10 -11.01
N GLY A 196 18.25 -4.71 -11.96
CA GLY A 196 18.43 -5.14 -13.35
C GLY A 196 17.45 -6.22 -13.77
N LYS A 197 16.70 -6.77 -12.82
CA LYS A 197 15.71 -7.81 -13.11
C LYS A 197 14.38 -7.44 -12.48
N ASP A 198 13.30 -7.56 -13.25
CA ASP A 198 11.97 -7.27 -12.73
C ASP A 198 11.65 -8.21 -11.58
N LYS A 199 11.24 -7.65 -10.44
CA LYS A 199 10.68 -8.45 -9.36
C LYS A 199 9.31 -8.95 -9.80
N ASP A 200 8.88 -10.08 -9.28
CA ASP A 200 7.55 -10.58 -9.57
C ASP A 200 6.68 -10.44 -8.33
N ILE A 201 6.22 -9.21 -8.08
CA ILE A 201 5.49 -8.90 -6.86
C ILE A 201 4.28 -8.04 -7.20
N PRO A 202 3.23 -8.06 -6.34
CA PRO A 202 2.03 -7.24 -6.59
C PRO A 202 2.33 -5.74 -6.59
N ASP A 203 1.58 -4.98 -7.38
CA ASP A 203 1.73 -3.52 -7.42
C ASP A 203 1.68 -2.89 -6.03
N GLN A 204 0.77 -3.36 -5.18
CA GLN A 204 0.61 -2.80 -3.85
C GLN A 204 1.88 -2.97 -3.03
N GLN A 205 2.58 -4.07 -3.26
CA GLN A 205 3.82 -4.35 -2.54
C GLN A 205 4.97 -3.52 -3.09
N GLN A 206 5.00 -3.31 -4.40
CA GLN A 206 6.06 -2.49 -4.99
C GLN A 206 5.91 -1.05 -4.52
N VAL A 207 4.67 -0.56 -4.46
CA VAL A 207 4.40 0.79 -3.99
C VAL A 207 4.87 0.90 -2.54
N ALA A 208 4.48 -0.05 -1.70
CA ALA A 208 4.85 0.00 -0.28
C ALA A 208 6.37 -0.04 -0.11
N CYS A 209 7.05 -0.87 -0.89
CA CYS A 209 8.51 -0.90 -0.74
C CYS A 209 9.16 0.36 -1.30
N ASN A 210 8.56 0.98 -2.30
CA ASN A 210 9.10 2.22 -2.84
C ASN A 210 9.07 3.31 -1.77
N LEU A 211 7.96 3.37 -1.04
CA LEU A 211 7.83 4.30 0.08
C LEU A 211 8.88 3.99 1.13
N SER A 212 9.13 2.70 1.39
CA SER A 212 10.17 2.29 2.31
C SER A 212 11.57 2.64 1.80
N THR A 213 11.76 2.61 0.48
CA THR A 213 13.04 3.03 -0.08
C THR A 213 13.33 4.54 0.19
N VAL A 214 12.34 5.41 -0.02
CA VAL A 214 12.50 6.83 0.25
C VAL A 214 12.84 7.04 1.74
N TYR A 215 12.10 6.38 2.62
CA TYR A 215 12.35 6.47 4.05
C TYR A 215 13.75 5.97 4.36
N ARG A 216 14.17 4.94 3.65
CA ARG A 216 15.47 4.36 3.90
C ARG A 216 16.57 5.34 3.53
N ASP A 217 16.46 5.91 2.33
CA ASP A 217 17.48 6.83 1.81
C ASP A 217 17.56 8.13 2.62
N LEU A 218 16.40 8.63 3.08
CA LEU A 218 16.35 9.93 3.75
C LEU A 218 16.40 9.85 5.29
N VAL A 219 16.07 8.68 5.86
CA VAL A 219 16.03 8.53 7.32
C VAL A 219 16.93 7.41 7.85
N ARG A 220 16.71 6.18 7.39
CA ARG A 220 17.40 5.02 7.97
C ARG A 220 18.90 5.06 7.68
N ASN A 221 19.25 5.40 6.45
CA ASN A 221 20.65 5.47 6.05
C ASN A 221 21.16 6.90 5.87
N GLY A 222 20.25 7.84 5.63
CA GLY A 222 20.64 9.23 5.44
C GLY A 222 20.72 9.96 6.78
N VAL A 223 21.59 9.47 7.67
CA VAL A 223 21.53 9.85 9.08
C VAL A 223 22.31 11.13 9.42
N ASP A 224 23.24 11.51 8.55
CA ASP A 224 24.04 12.73 8.78
C ASP A 224 24.59 13.21 7.43
N PRO A 225 25.36 14.32 7.40
CA PRO A 225 25.77 14.83 6.10
C PRO A 225 26.63 13.86 5.32
N THR A 226 27.53 13.16 5.98
CA THR A 226 28.39 12.23 5.28
C THR A 226 27.58 11.10 4.65
N SER A 227 26.67 10.51 5.41
CA SER A 227 25.87 9.40 4.90
C SER A 227 24.86 9.84 3.85
N PHE A 228 24.38 11.07 3.93
CA PHE A 228 23.36 11.53 2.98
C PHE A 228 23.96 12.12 1.71
N PHE A 229 24.91 13.04 1.85
CA PHE A 229 25.47 13.76 0.69
C PHE A 229 26.56 12.96 -0.01
N GLY A 230 27.23 12.09 0.74
CA GLY A 230 28.43 11.42 0.26
C GLY A 230 29.68 11.95 0.92
N GLY A 231 30.78 11.23 0.73
CA GLY A 231 32.00 11.48 1.47
C GLY A 231 32.82 12.63 0.91
N LYS A 232 33.81 13.04 1.70
CA LYS A 232 34.62 14.20 1.35
C LYS A 232 35.51 13.93 0.14
N TYR A 233 35.53 14.89 -0.75
CA TYR A 233 36.25 14.81 -2.03
C TYR A 233 36.88 16.15 -2.31
N VAL A 234 38.21 16.18 -2.38
CA VAL A 234 38.96 17.41 -2.61
C VAL A 234 39.99 17.21 -3.71
N ALA A 235 40.62 18.30 -4.13
CA ALA A 235 41.59 18.27 -5.20
C ALA A 235 42.79 17.43 -4.79
N GLY A 236 43.37 16.74 -5.78
CA GLY A 236 44.49 15.85 -5.53
C GLY A 236 43.99 14.41 -5.38
N ASP A 237 42.71 14.27 -5.07
CA ASP A 237 42.11 12.96 -4.80
C ASP A 237 41.81 12.21 -6.09
N SER A 238 42.53 11.12 -6.32
CA SER A 238 42.34 10.30 -7.52
C SER A 238 41.76 8.93 -7.14
N PRO A 239 40.85 8.40 -7.99
CA PRO A 239 40.21 7.12 -7.67
C PRO A 239 41.19 5.99 -7.39
N ASP A 244 36.40 6.52 -2.01
CA ASP A 244 36.23 6.85 -3.42
C ASP A 244 35.97 8.33 -3.68
N PRO A 245 35.37 9.06 -2.72
CA PRO A 245 34.90 8.79 -1.35
C PRO A 245 33.65 7.93 -1.23
N SER A 246 33.09 7.87 -0.03
CA SER A 246 31.86 7.11 0.20
C SER A 246 30.68 7.70 -0.58
N VAL A 247 29.82 6.83 -1.09
CA VAL A 247 28.70 7.29 -1.88
C VAL A 247 27.48 7.42 -0.97
N GLY A 248 26.68 8.47 -1.21
CA GLY A 248 25.57 8.80 -0.34
C GLY A 248 24.35 7.89 -0.51
N SER A 249 23.45 7.97 0.45
CA SER A 249 22.31 7.05 0.51
C SER A 249 21.38 7.22 -0.68
N VAL A 250 21.01 8.46 -1.02
CA VAL A 250 20.16 8.67 -2.18
C VAL A 250 20.93 8.31 -3.46
N GLU A 251 22.17 8.76 -3.59
CA GLU A 251 22.89 8.56 -4.84
C GLU A 251 22.96 7.07 -5.18
N ALA A 252 23.32 6.23 -4.21
CA ALA A 252 23.51 4.81 -4.47
C ALA A 252 22.23 3.98 -4.26
N GLY A 253 21.12 4.67 -4.02
CA GLY A 253 19.85 4.03 -3.73
C GLY A 253 18.84 4.34 -4.82
N SER A 254 17.78 5.03 -4.44
CA SER A 254 16.67 5.34 -5.35
C SER A 254 17.14 6.00 -6.65
N HIS A 255 18.14 6.88 -6.53
CA HIS A 255 18.63 7.60 -7.70
C HIS A 255 19.21 6.66 -8.76
N THR A 256 20.08 5.75 -8.33
CA THR A 256 20.67 4.78 -9.25
C THR A 256 19.65 3.78 -9.78
N ALA A 257 18.73 3.33 -8.93
CA ALA A 257 17.70 2.38 -9.38
C ALA A 257 16.90 2.95 -10.55
N VAL A 258 16.54 4.23 -10.48
CA VAL A 258 15.67 4.81 -11.49
C VAL A 258 16.42 4.91 -12.84
N HIS A 259 17.69 5.28 -12.78
CA HIS A 259 18.56 5.30 -13.96
C HIS A 259 18.53 3.95 -14.72
N ARG A 260 18.85 2.87 -14.03
CA ARG A 260 18.86 1.55 -14.65
C ARG A 260 17.47 1.06 -15.03
N TRP A 261 16.44 1.47 -14.29
CA TRP A 261 15.09 1.06 -14.61
C TRP A 261 14.61 1.66 -15.94
N VAL A 262 14.97 2.91 -16.21
CA VAL A 262 14.50 3.58 -17.44
C VAL A 262 15.36 3.26 -18.66
N GLY A 263 16.66 3.08 -18.48
CA GLY A 263 17.55 2.84 -19.61
C GLY A 263 17.18 1.59 -20.37
N ASP A 264 17.40 1.60 -21.67
CA ASP A 264 17.04 0.49 -22.55
C ASP A 264 18.10 -0.61 -22.48
N PRO A 265 17.78 -1.77 -21.84
CA PRO A 265 18.81 -2.79 -21.63
C PRO A 265 19.27 -3.49 -22.91
N THR A 266 18.60 -3.23 -24.03
CA THR A 266 19.04 -3.76 -25.30
C THR A 266 20.12 -2.88 -25.93
N GLN A 267 20.44 -1.75 -25.30
CA GLN A 267 21.52 -0.91 -25.82
C GLN A 267 22.84 -1.31 -25.15
N PRO A 268 23.98 -1.06 -25.83
CA PRO A 268 25.30 -1.52 -25.39
C PRO A 268 25.72 -1.00 -24.01
N ASN A 269 25.25 0.19 -23.65
CA ASN A 269 25.53 0.78 -22.34
C ASN A 269 24.22 1.15 -21.63
N ASN A 270 23.15 0.48 -22.04
CA ASN A 270 21.81 0.74 -21.49
C ASN A 270 21.40 2.20 -21.65
N GLU A 271 21.79 2.79 -22.78
CA GLU A 271 21.39 4.14 -23.11
C GLU A 271 19.85 4.22 -23.18
N ASP A 272 19.26 5.38 -22.90
CA ASP A 272 19.97 6.60 -22.50
C ASP A 272 20.22 6.69 -20.98
N MET A 273 19.17 6.51 -20.18
CA MET A 273 19.24 6.73 -18.74
C MET A 273 20.14 5.77 -17.96
N GLY A 274 20.47 4.63 -18.54
CA GLY A 274 21.28 3.65 -17.83
C GLY A 274 22.75 4.00 -17.61
N ASN A 275 23.23 5.06 -18.25
CA ASN A 275 24.63 5.45 -18.17
C ASN A 275 24.74 6.97 -18.10
N PHE A 276 25.70 7.48 -17.34
CA PHE A 276 25.84 8.93 -17.17
C PHE A 276 26.07 9.64 -18.49
N TYR A 277 26.77 9.00 -19.42
CA TYR A 277 27.23 9.74 -20.60
C TYR A 277 26.05 10.02 -21.54
N SER A 278 25.02 9.18 -21.46
CA SER A 278 23.85 9.28 -22.35
C SER A 278 22.56 9.72 -21.64
N ALA A 279 22.56 9.75 -20.32
CA ALA A 279 21.29 9.95 -19.57
C ALA A 279 20.59 11.25 -19.99
N GLY A 280 21.36 12.28 -20.29
CA GLY A 280 20.81 13.58 -20.62
C GLY A 280 20.04 13.67 -21.93
N TYR A 281 20.11 12.63 -22.77
CA TYR A 281 19.38 12.63 -24.04
C TYR A 281 17.91 12.24 -23.81
N ASP A 282 17.62 11.78 -22.60
CA ASP A 282 16.24 11.48 -22.23
C ASP A 282 15.72 12.65 -21.39
N PRO A 283 14.66 13.33 -21.87
CA PRO A 283 14.12 14.45 -21.07
C PRO A 283 13.76 14.04 -19.65
N VAL A 284 13.41 12.78 -19.43
CA VAL A 284 12.95 12.40 -18.10
C VAL A 284 14.12 12.43 -17.10
N PHE A 285 15.35 12.34 -17.62
CA PHE A 285 16.57 12.43 -16.78
C PHE A 285 16.55 13.67 -15.87
N TYR A 286 16.27 14.82 -16.46
CA TYR A 286 16.25 16.08 -15.71
C TYR A 286 15.12 16.11 -14.67
N ILE A 287 14.05 15.40 -14.99
CA ILE A 287 12.85 15.40 -14.16
C ILE A 287 13.00 14.40 -13.01
N HIS A 288 13.67 13.29 -13.27
CA HIS A 288 14.17 12.44 -12.20
C HIS A 288 15.08 13.25 -11.26
N HIS A 289 16.05 13.96 -11.81
CA HIS A 289 16.96 14.72 -10.96
C HIS A 289 16.31 15.90 -10.28
N ALA A 290 15.24 16.43 -10.86
CA ALA A 290 14.45 17.44 -10.15
C ALA A 290 13.91 16.87 -8.83
N ASN A 291 13.45 15.62 -8.83
CA ASN A 291 12.99 15.05 -7.56
C ASN A 291 14.16 14.71 -6.64
N VAL A 292 15.30 14.31 -7.21
CA VAL A 292 16.48 14.08 -6.39
C VAL A 292 16.84 15.40 -5.69
N ASP A 293 16.77 16.50 -6.43
CA ASP A 293 17.02 17.82 -5.91
C ASP A 293 16.05 18.14 -4.76
N ARG A 294 14.80 17.76 -4.96
CA ARG A 294 13.77 17.93 -3.94
C ARG A 294 14.07 17.09 -2.69
N MET A 295 14.64 15.88 -2.86
CA MET A 295 14.98 15.06 -1.70
C MET A 295 15.96 15.78 -0.73
N TRP A 296 16.89 16.56 -1.27
CA TRP A 296 17.76 17.39 -0.43
C TRP A 296 16.91 18.34 0.45
N LYS A 297 15.94 19.01 -0.16
CA LYS A 297 15.04 19.89 0.59
C LYS A 297 14.24 19.11 1.63
N LEU A 298 13.66 17.97 1.24
CA LEU A 298 12.85 17.20 2.17
C LEU A 298 13.70 16.72 3.34
N TRP A 299 14.92 16.30 3.03
CA TRP A 299 15.84 15.78 4.03
C TRP A 299 16.07 16.83 5.13
N LYS A 300 16.19 18.09 4.73
CA LYS A 300 16.36 19.17 5.70
C LYS A 300 15.06 19.42 6.44
N GLU A 301 13.95 19.37 5.72
CA GLU A 301 12.66 19.69 6.31
C GLU A 301 12.25 18.66 7.39
N LEU A 302 12.85 17.47 7.37
CA LEU A 302 12.52 16.45 8.35
C LEU A 302 12.87 16.92 9.75
N ARG A 303 13.85 17.82 9.82
CA ARG A 303 14.26 18.43 11.07
C ARG A 303 14.58 17.36 12.11
N LEU A 304 15.34 16.36 11.66
CA LEU A 304 15.83 15.30 12.52
C LEU A 304 17.28 15.59 12.88
N PRO A 305 17.73 15.11 14.05
CA PRO A 305 19.12 15.37 14.41
C PRO A 305 20.07 14.85 13.32
N GLY A 306 21.11 15.62 13.04
CA GLY A 306 22.08 15.27 12.02
C GLY A 306 21.71 15.77 10.63
N HIS A 307 20.46 16.17 10.43
CA HIS A 307 20.02 16.62 9.10
C HIS A 307 20.34 18.10 8.90
N VAL A 308 21.63 18.36 8.69
CA VAL A 308 22.14 19.71 8.51
C VAL A 308 22.97 19.80 7.23
N ASP A 309 23.09 21.00 6.66
CA ASP A 309 23.92 21.20 5.47
C ASP A 309 25.40 21.18 5.82
N ILE A 310 26.22 20.87 4.82
CA ILE A 310 27.68 20.84 4.96
C ILE A 310 28.23 22.24 5.16
N THR A 311 29.18 22.38 6.07
CA THR A 311 29.80 23.67 6.36
C THR A 311 31.33 23.59 6.18
N ASP A 312 31.82 22.47 5.67
CA ASP A 312 33.23 22.30 5.35
C ASP A 312 33.63 23.26 4.22
N PRO A 313 34.63 24.15 4.47
CA PRO A 313 35.05 25.07 3.41
C PRO A 313 35.46 24.39 2.11
N ASP A 314 36.01 23.19 2.22
CA ASP A 314 36.42 22.42 1.05
C ASP A 314 35.25 22.00 0.19
N TRP A 315 34.04 21.97 0.78
CA TRP A 315 32.81 21.74 0.01
C TRP A 315 32.21 23.06 -0.45
N LEU A 316 32.12 24.02 0.47
CA LEU A 316 31.47 25.29 0.21
C LEU A 316 32.08 26.02 -0.98
N ASN A 317 33.40 25.90 -1.11
CA ASN A 317 34.19 26.63 -2.09
C ASN A 317 34.45 25.87 -3.39
N ALA A 318 33.94 24.63 -3.49
CA ALA A 318 34.01 23.91 -4.74
C ALA A 318 33.10 24.59 -5.77
N SER A 319 33.48 24.53 -7.04
CA SER A 319 32.77 25.27 -8.08
C SER A 319 32.76 24.55 -9.43
N TYR A 320 31.72 24.89 -10.19
CA TYR A 320 31.49 24.40 -11.55
C TYR A 320 31.29 25.58 -12.50
N VAL A 321 31.24 25.28 -13.79
CA VAL A 321 31.03 26.29 -14.80
C VAL A 321 29.95 25.83 -15.75
N PHE A 322 29.00 26.71 -16.01
CA PHE A 322 27.90 26.45 -16.94
C PHE A 322 27.65 27.63 -17.86
N TYR A 323 27.15 27.34 -19.05
CA TYR A 323 26.52 28.33 -19.90
C TYR A 323 25.11 28.66 -19.38
N ASP A 324 24.70 29.94 -19.45
CA ASP A 324 23.34 30.33 -19.05
C ASP A 324 22.49 30.68 -20.28
N GLU A 325 21.33 31.28 -20.05
CA GLU A 325 20.38 31.55 -21.14
C GLU A 325 20.87 32.64 -22.08
N ASN A 326 21.90 33.38 -21.65
CA ASN A 326 22.50 34.41 -22.47
C ASN A 326 23.74 33.92 -23.20
N LYS A 327 23.96 32.60 -23.13
CA LYS A 327 25.18 31.98 -23.65
C LYS A 327 26.44 32.56 -23.00
N ASP A 328 26.29 33.05 -21.77
CA ASP A 328 27.44 33.47 -20.96
C ASP A 328 27.93 32.31 -20.11
N LEU A 329 29.23 32.31 -19.81
CA LEU A 329 29.84 31.33 -18.93
C LEU A 329 29.78 31.84 -17.51
N VAL A 330 29.21 31.02 -16.63
CA VAL A 330 29.02 31.37 -15.23
C VAL A 330 29.68 30.35 -14.32
N ARG A 331 30.53 30.82 -13.42
CA ARG A 331 31.08 29.97 -12.37
C ARG A 331 30.20 30.01 -11.12
N VAL A 332 29.83 28.84 -10.60
CA VAL A 332 28.97 28.76 -9.42
C VAL A 332 29.60 27.89 -8.35
N TYR A 333 29.33 28.25 -7.10
CA TYR A 333 29.91 27.58 -5.94
C TYR A 333 28.85 26.78 -5.15
N ASN A 334 29.26 25.70 -4.50
CA ASN A 334 28.35 24.89 -3.69
C ASN A 334 27.63 25.73 -2.63
N LYS A 335 28.36 26.66 -2.01
CA LYS A 335 27.79 27.45 -0.93
C LYS A 335 26.58 28.27 -1.37
N ASP A 336 26.52 28.64 -2.66
CA ASP A 336 25.45 29.53 -3.12
C ASP A 336 24.18 28.81 -3.56
N CYS A 337 24.13 27.48 -3.48
CA CYS A 337 22.91 26.77 -3.87
C CYS A 337 22.17 26.12 -2.71
N VAL A 338 22.57 26.40 -1.47
CA VAL A 338 21.94 25.72 -0.33
C VAL A 338 20.58 26.29 0.02
N ASN A 339 20.33 27.53 -0.38
CA ASN A 339 19.09 28.23 -0.06
C ASN A 339 18.29 28.39 -1.32
N LEU A 340 17.18 27.66 -1.39
CA LEU A 340 16.33 27.66 -2.58
C LEU A 340 15.61 28.98 -2.78
N ASP A 341 15.31 29.70 -1.70
CA ASP A 341 14.66 30.98 -1.85
C ASP A 341 15.53 31.93 -2.67
N LYS A 342 16.84 31.83 -2.50
CA LYS A 342 17.75 32.74 -3.20
C LYS A 342 17.95 32.31 -4.65
N LEU A 343 17.65 31.06 -4.96
CA LEU A 343 17.72 30.60 -6.33
C LEU A 343 16.38 30.78 -7.05
N LYS A 344 15.39 31.26 -6.30
CA LYS A 344 14.11 31.65 -6.87
C LYS A 344 13.34 30.49 -7.51
N TYR A 345 13.52 29.29 -6.95
CA TYR A 345 12.62 28.19 -7.26
C TYR A 345 12.28 27.35 -6.04
N ASN A 346 11.23 26.55 -6.17
CA ASN A 346 10.92 25.56 -5.16
C ASN A 346 10.04 24.48 -5.77
N PHE A 347 9.34 23.74 -4.92
CA PHE A 347 8.56 22.58 -5.34
C PHE A 347 7.17 22.66 -4.73
N ILE A 348 6.13 22.50 -5.54
CA ILE A 348 4.77 22.38 -5.02
C ILE A 348 4.65 21.15 -4.13
N GLU A 349 4.30 21.35 -2.86
CA GLU A 349 4.13 20.24 -1.90
C GLU A 349 2.65 19.98 -1.59
N ASN A 350 2.38 18.94 -0.80
CA ASN A 350 1.00 18.47 -0.65
C ASN A 350 0.14 19.30 0.31
N SER A 351 0.78 20.13 1.13
CA SER A 351 0.09 20.91 2.15
C SER A 351 -0.71 20.00 3.08
N LYS A 352 -0.11 18.86 3.41
CA LYS A 352 -0.72 17.92 4.34
C LYS A 352 0.17 17.71 5.54
N GLU A 353 -0.34 16.93 6.48
CA GLU A 353 0.32 16.72 7.75
C GLU A 353 1.67 16.05 7.55
N VAL A 354 1.79 15.22 6.52
CA VAL A 354 2.93 14.32 6.43
C VAL A 354 3.26 13.90 5.00
N PHE A 355 4.52 13.53 4.74
CA PHE A 355 4.87 12.92 3.47
C PHE A 355 4.30 11.49 3.44
N PRO A 356 3.91 11.01 2.25
CA PRO A 356 3.31 9.67 2.18
C PRO A 356 4.28 8.55 2.61
N TRP A 357 5.57 8.84 2.62
CA TRP A 357 6.61 7.87 2.99
C TRP A 357 7.16 8.10 4.39
N ARG A 358 6.68 9.14 5.08
CA ARG A 358 7.27 9.56 6.35
C ARG A 358 7.26 8.43 7.39
N ASN A 359 6.28 7.54 7.30
CA ASN A 359 6.16 6.43 8.26
C ASN A 359 6.38 5.04 7.65
N SER A 360 7.24 4.98 6.64
CA SER A 360 7.48 3.73 5.93
C SER A 360 8.75 3.05 6.46
N ARG A 361 9.01 3.26 7.75
CA ARG A 361 9.96 2.44 8.46
C ARG A 361 9.46 1.01 8.40
N PRO A 362 10.37 0.03 8.15
CA PRO A 362 9.93 -1.36 8.09
C PRO A 362 9.22 -1.80 9.36
N PRO A 363 8.21 -2.67 9.24
CA PRO A 363 7.54 -3.16 10.45
C PRO A 363 8.48 -3.93 11.38
N GLN A 364 8.36 -3.67 12.67
CA GLN A 364 9.04 -4.41 13.72
C GLN A 364 8.93 -5.92 13.52
N ARG A 365 10.06 -6.60 13.58
CA ARG A 365 10.12 -8.05 13.52
C ARG A 365 9.61 -8.66 14.83
N ARG A 366 8.70 -9.63 14.73
CA ARG A 366 8.22 -10.32 15.92
C ARG A 366 9.25 -11.32 16.38
N LYS A 367 9.43 -11.44 17.70
CA LYS A 367 10.36 -12.41 18.24
C LYS A 367 9.89 -13.81 17.91
N SER A 368 8.57 -13.98 17.82
CA SER A 368 7.98 -15.28 17.51
C SER A 368 8.34 -15.73 16.09
N ALA A 369 8.80 -14.78 15.26
CA ALA A 369 9.17 -15.08 13.87
C ALA A 369 10.66 -15.38 13.73
N GLN A 370 11.38 -15.29 14.84
CA GLN A 370 12.83 -15.44 14.83
C GLN A 370 13.27 -16.67 15.59
N VAL A 371 14.39 -17.23 15.17
CA VAL A 371 15.06 -18.25 15.94
C VAL A 371 16.05 -17.57 16.89
N ALA A 372 16.65 -18.35 17.77
CA ALA A 372 17.52 -17.79 18.81
C ALA A 372 18.69 -17.00 18.23
N THR A 373 19.40 -17.61 17.30
CA THR A 373 20.64 -17.02 16.78
C THR A 373 20.63 -16.91 15.26
N THR A 374 21.64 -16.23 14.72
CA THR A 374 21.83 -16.17 13.27
C THR A 374 22.53 -17.43 12.76
N GLY A 375 22.75 -18.38 13.67
CA GLY A 375 23.36 -19.65 13.32
C GLY A 375 24.85 -19.69 13.57
N ASP A 376 25.54 -20.60 12.89
CA ASP A 376 26.99 -20.72 13.00
C ASP A 376 27.70 -19.77 12.02
N VAL A 377 28.28 -18.68 12.53
CA VAL A 377 28.89 -17.69 11.66
C VAL A 377 30.12 -17.05 12.30
N LYS A 378 31.20 -16.96 11.53
CA LYS A 378 32.47 -16.44 12.04
C LYS A 378 32.48 -14.93 12.22
N THR A 379 33.33 -14.46 13.12
CA THR A 379 33.52 -13.02 13.35
C THR A 379 34.51 -12.44 12.33
N VAL A 380 34.55 -11.11 12.22
CA VAL A 380 35.47 -10.44 11.31
C VAL A 380 36.93 -10.77 11.63
N GLU A 381 37.24 -10.92 12.92
CA GLU A 381 38.60 -11.22 13.34
C GLU A 381 38.99 -12.66 12.99
N GLN A 382 37.99 -13.55 12.92
CA GLN A 382 38.24 -14.95 12.55
C GLN A 382 38.28 -15.13 11.04
N THR A 383 38.13 -14.04 10.31
CA THR A 383 37.97 -14.08 8.86
C THR A 383 39.13 -13.43 8.14
N LYS A 384 39.53 -14.03 7.01
CA LYS A 384 40.60 -13.48 6.19
C LYS A 384 40.07 -12.56 5.10
N PHE A 385 40.37 -11.27 5.21
CA PHE A 385 40.02 -10.29 4.18
C PHE A 385 41.19 -10.09 3.22
N PRO A 386 40.91 -9.62 1.99
CA PRO A 386 39.58 -9.30 1.47
C PRO A 386 38.74 -10.53 1.13
N VAL A 387 37.45 -10.34 0.92
CA VAL A 387 36.58 -11.46 0.58
C VAL A 387 35.90 -11.20 -0.77
N ARG A 388 35.75 -12.26 -1.56
CA ARG A 388 35.16 -12.15 -2.89
C ARG A 388 33.66 -12.45 -2.87
N LEU A 389 32.87 -11.59 -3.51
CA LEU A 389 31.41 -11.76 -3.57
C LEU A 389 30.98 -12.51 -4.83
N ASN A 390 31.66 -13.61 -5.11
CA ASN A 390 31.20 -14.54 -6.14
C ASN A 390 30.02 -15.34 -5.61
N GLN A 391 29.81 -15.26 -4.29
CA GLN A 391 28.67 -15.88 -3.64
C GLN A 391 28.29 -15.08 -2.39
N ILE A 392 27.19 -15.45 -1.75
CA ILE A 392 26.75 -14.79 -0.53
C ILE A 392 27.80 -14.92 0.56
N PHE A 393 28.05 -13.81 1.25
CA PHE A 393 29.03 -13.74 2.32
C PHE A 393 28.38 -13.30 3.62
N LYS A 394 28.62 -14.07 4.67
CA LYS A 394 28.08 -13.76 5.99
C LYS A 394 29.22 -13.65 7.01
N VAL A 395 29.08 -12.70 7.94
CA VAL A 395 30.09 -12.49 8.96
C VAL A 395 29.53 -11.72 10.17
N ARG A 396 30.05 -12.03 11.36
CA ARG A 396 29.64 -11.32 12.57
C ARG A 396 30.57 -10.14 12.84
N VAL A 397 29.99 -8.97 13.03
CA VAL A 397 30.76 -7.75 13.23
C VAL A 397 30.61 -7.24 14.67
N LYS A 398 31.73 -7.01 15.34
CA LYS A 398 31.71 -6.54 16.71
C LYS A 398 31.05 -5.17 16.81
N ARG A 399 30.09 -5.01 17.72
CA ARG A 399 29.45 -3.71 17.93
C ARG A 399 30.20 -2.89 18.98
N PRO A 400 30.15 -1.57 18.86
CA PRO A 400 30.90 -0.74 19.82
C PRO A 400 30.22 -0.73 21.20
N ALA A 401 28.95 -1.12 21.24
CA ALA A 401 28.20 -1.14 22.50
C ALA A 401 26.90 -1.91 22.32
N VAL A 402 26.27 -2.30 23.43
CA VAL A 402 24.96 -2.96 23.41
C VAL A 402 23.98 -2.21 24.30
N ASN A 403 22.69 -2.32 23.99
CA ASN A 403 21.64 -1.70 24.78
C ASN A 403 21.90 -0.24 25.10
N ARG A 404 22.28 0.53 24.08
CA ARG A 404 22.44 1.95 24.25
C ARG A 404 21.09 2.60 24.58
N THR A 405 21.12 3.64 25.39
CA THR A 405 19.90 4.36 25.76
C THR A 405 19.38 5.19 24.60
N GLU A 406 18.13 5.65 24.71
CA GLU A 406 17.56 6.52 23.70
C GLU A 406 18.39 7.80 23.60
N GLU A 407 18.84 8.29 24.75
CA GLU A 407 19.66 9.49 24.82
C GLU A 407 21.00 9.29 24.10
N GLU A 408 21.59 8.10 24.26
CA GLU A 408 22.83 7.79 23.56
C GLU A 408 22.58 7.63 22.05
N LYS A 409 21.48 6.97 21.69
CA LYS A 409 21.12 6.82 20.29
C LYS A 409 20.79 8.17 19.66
N ASP A 410 20.35 9.12 20.50
CA ASP A 410 20.03 10.47 20.04
C ASP A 410 21.27 11.31 19.75
N GLN A 411 22.43 10.82 20.20
CA GLN A 411 23.66 11.58 20.11
C GLN A 411 24.68 10.94 19.17
N ALA A 412 24.43 9.71 18.75
CA ALA A 412 25.33 8.99 17.86
C ALA A 412 24.63 7.86 17.12
N ASN A 413 24.88 7.79 15.82
CA ASN A 413 24.39 6.69 15.01
C ASN A 413 25.39 5.56 15.00
N GLU A 414 24.89 4.35 15.21
CA GLU A 414 25.69 3.16 14.99
C GLU A 414 25.65 2.88 13.50
N VAL A 415 26.82 2.91 12.86
CA VAL A 415 26.89 2.85 11.41
C VAL A 415 27.77 1.70 10.94
N LEU A 416 27.19 0.85 10.10
CA LEU A 416 27.90 -0.22 9.41
C LEU A 416 28.68 0.33 8.22
N LEU A 417 29.99 0.13 8.24
CA LEU A 417 30.87 0.57 7.15
C LEU A 417 31.37 -0.63 6.35
N ILE A 418 31.08 -0.62 5.05
CA ILE A 418 31.66 -1.58 4.13
C ILE A 418 32.69 -0.83 3.29
N LYS A 419 33.95 -0.99 3.63
CA LYS A 419 35.04 -0.23 3.01
C LYS A 419 35.84 -1.11 2.05
N LYS A 420 36.58 -0.45 1.17
CA LYS A 420 37.46 -1.13 0.23
C LYS A 420 36.69 -2.11 -0.66
N ILE A 421 35.62 -1.61 -1.26
CA ILE A 421 34.84 -2.40 -2.21
C ILE A 421 35.51 -2.28 -3.58
N LYS A 422 36.16 -3.34 -4.01
CA LYS A 422 36.96 -3.28 -5.24
C LYS A 422 36.32 -4.12 -6.34
N TYR A 423 36.22 -3.52 -7.53
CA TYR A 423 35.54 -4.16 -8.64
C TYR A 423 35.81 -3.44 -9.95
N ASP A 424 35.59 -4.12 -11.06
CA ASP A 424 35.59 -3.47 -12.37
C ASP A 424 34.29 -2.68 -12.53
N SER A 425 34.41 -1.37 -12.76
CA SER A 425 33.23 -0.54 -12.90
C SER A 425 32.89 -0.23 -14.35
N GLY A 426 33.25 -1.11 -15.27
CA GLY A 426 32.81 -0.99 -16.65
C GLY A 426 31.39 -1.50 -16.79
N LYS A 427 30.91 -2.14 -15.73
CA LYS A 427 29.57 -2.71 -15.68
C LYS A 427 28.84 -2.19 -14.46
N PHE A 428 27.52 -2.12 -14.57
CA PHE A 428 26.68 -1.85 -13.41
C PHE A 428 26.88 -2.92 -12.35
N VAL A 429 27.04 -2.47 -11.11
CA VAL A 429 27.26 -3.35 -9.98
C VAL A 429 26.19 -3.11 -8.92
N LYS A 430 25.69 -4.19 -8.33
CA LYS A 430 24.85 -4.07 -7.14
C LYS A 430 24.96 -5.29 -6.23
N PHE A 431 25.13 -5.03 -4.94
CA PHE A 431 24.91 -6.08 -3.93
C PHE A 431 24.06 -5.51 -2.79
N ASP A 432 23.30 -6.40 -2.17
CA ASP A 432 22.41 -6.04 -1.09
C ASP A 432 23.00 -6.43 0.24
N VAL A 433 22.57 -5.73 1.28
CA VAL A 433 23.06 -5.92 2.63
C VAL A 433 21.92 -6.22 3.59
N PHE A 434 22.03 -7.33 4.30
CA PHE A 434 21.08 -7.69 5.35
C PHE A 434 21.80 -7.82 6.69
N VAL A 435 21.12 -7.42 7.74
CA VAL A 435 21.72 -7.46 9.07
C VAL A 435 20.81 -8.18 10.06
N ASN A 436 21.37 -9.17 10.75
CA ASN A 436 20.65 -9.93 11.77
C ASN A 436 19.39 -10.60 11.23
N ASP A 437 19.52 -11.16 10.03
CA ASP A 437 18.52 -12.03 9.43
C ASP A 437 18.53 -13.41 10.09
N LYS A 438 17.46 -13.73 10.81
CA LYS A 438 17.37 -15.03 11.48
C LYS A 438 15.93 -15.49 11.65
N LEU A 439 15.19 -15.48 10.54
CA LEU A 439 13.79 -15.86 10.54
C LEU A 439 13.62 -17.37 10.64
N LYS A 440 12.52 -17.80 11.25
CA LYS A 440 12.12 -19.20 11.18
C LYS A 440 11.77 -19.55 9.75
N ASP A 441 11.96 -20.82 9.39
CA ASP A 441 11.52 -21.32 8.09
C ASP A 441 10.00 -21.08 7.97
N GLY A 442 9.55 -20.62 6.81
CA GLY A 442 8.13 -20.43 6.55
C GLY A 442 7.62 -19.02 6.77
N VAL A 443 8.42 -18.19 7.43
CA VAL A 443 8.00 -16.83 7.72
C VAL A 443 7.89 -16.01 6.44
N PHE A 444 6.79 -15.27 6.32
CA PHE A 444 6.53 -14.44 5.15
C PHE A 444 7.55 -13.30 5.07
N THR A 445 8.15 -13.11 3.90
CA THR A 445 9.15 -12.07 3.69
C THR A 445 8.70 -11.15 2.59
N THR A 446 9.31 -9.96 2.55
CA THR A 446 9.02 -8.97 1.54
C THR A 446 10.35 -8.37 1.07
N PRO A 447 10.30 -7.55 0.02
CA PRO A 447 11.52 -6.85 -0.44
C PRO A 447 11.96 -5.67 0.44
N CYS A 448 11.24 -5.38 1.51
CA CYS A 448 11.60 -4.26 2.39
C CYS A 448 11.35 -4.62 3.86
N ASP A 449 11.85 -5.79 4.24
CA ASP A 449 11.81 -6.25 5.62
C ASP A 449 12.80 -5.46 6.49
N PRO A 450 12.62 -5.50 7.81
CA PRO A 450 13.49 -4.71 8.70
C PRO A 450 14.95 -5.15 8.67
N GLU A 451 15.21 -6.38 8.25
CA GLU A 451 16.57 -6.89 8.18
C GLU A 451 17.34 -6.26 7.01
N TYR A 452 16.62 -5.65 6.08
CA TYR A 452 17.26 -5.12 4.87
C TYR A 452 17.86 -3.74 5.16
N ALA A 453 19.19 -3.64 5.12
CA ALA A 453 19.88 -2.38 5.37
C ALA A 453 19.89 -1.48 4.15
N GLY A 454 19.80 -2.11 2.98
CA GLY A 454 19.84 -1.40 1.72
C GLY A 454 20.91 -2.02 0.81
N GLY A 455 21.25 -1.31 -0.27
CA GLY A 455 22.19 -1.85 -1.22
C GLY A 455 23.35 -0.92 -1.50
N PHE A 456 24.34 -1.50 -2.16
CA PHE A 456 25.39 -0.71 -2.80
C PHE A 456 25.23 -0.90 -4.29
N ALA A 457 24.85 0.18 -4.98
CA ALA A 457 24.63 0.15 -6.42
C ALA A 457 25.42 1.23 -7.11
N GLN A 458 26.08 0.87 -8.23
CA GLN A 458 26.99 1.78 -8.92
C GLN A 458 26.89 1.77 -10.44
N ILE A 459 26.41 2.88 -10.99
CA ILE A 459 26.43 3.08 -12.42
C ILE A 459 27.90 3.05 -12.86
N PRO A 460 28.20 2.51 -14.06
CA PRO A 460 29.61 2.41 -14.47
C PRO A 460 30.36 3.74 -14.39
N HIS A 461 31.58 3.70 -13.86
CA HIS A 461 32.40 4.91 -13.73
C HIS A 461 33.88 4.56 -13.66
N ASN A 462 34.26 3.52 -14.42
CA ASN A 462 35.67 3.16 -14.61
C ASN A 462 36.49 4.35 -15.10
N ASP A 463 37.54 4.70 -14.35
CA ASP A 463 38.41 5.81 -14.74
C ASP A 463 39.06 5.59 -16.10
N VAL A 468 40.04 -1.26 -12.16
CA VAL A 468 39.16 -1.42 -11.01
C VAL A 468 38.87 -0.09 -10.33
N MET A 469 37.81 -0.06 -9.50
CA MET A 469 37.48 1.11 -8.69
C MET A 469 37.26 0.66 -7.24
N THR A 470 37.40 1.60 -6.31
CA THR A 470 37.28 1.32 -4.87
C THR A 470 36.22 2.21 -4.23
N SER A 471 35.29 1.59 -3.52
CA SER A 471 34.14 2.32 -2.96
C SER A 471 33.94 2.05 -1.48
N THR A 472 33.10 2.87 -0.85
CA THR A 472 32.70 2.71 0.54
C THR A 472 31.21 2.97 0.73
N ALA A 473 30.57 2.11 1.51
CA ALA A 473 29.15 2.23 1.81
C ALA A 473 28.94 2.36 3.32
N ARG A 474 27.94 3.13 3.70
CA ARG A 474 27.60 3.37 5.10
C ARG A 474 26.13 3.09 5.34
N PHE A 475 25.82 2.19 6.29
CA PHE A 475 24.42 1.87 6.60
C PHE A 475 24.08 2.16 8.05
N GLY A 476 22.95 2.83 8.27
CA GLY A 476 22.56 3.20 9.63
C GLY A 476 21.90 2.02 10.35
N LEU A 477 22.24 1.83 11.63
CA LEU A 477 21.75 0.68 12.39
C LEU A 477 20.86 1.02 13.59
N ASN A 478 20.77 2.29 13.97
CA ASN A 478 19.97 2.65 15.16
C ASN A 478 18.56 2.06 15.11
N GLU A 479 17.86 2.24 14.00
CA GLU A 479 16.54 1.65 13.83
C GLU A 479 16.61 0.13 13.65
N LEU A 480 17.46 -0.31 12.73
CA LEU A 480 17.47 -1.70 12.31
C LEU A 480 17.70 -2.66 13.48
N LEU A 481 18.53 -2.28 14.44
CA LEU A 481 18.82 -3.19 15.55
C LEU A 481 17.61 -3.30 16.46
N GLU A 482 16.88 -2.21 16.62
CA GLU A 482 15.61 -2.24 17.34
C GLU A 482 14.59 -3.08 16.57
N ASP A 483 14.54 -2.87 15.25
CA ASP A 483 13.55 -3.53 14.40
C ASP A 483 13.76 -5.04 14.31
N THR A 484 14.94 -5.51 14.68
CA THR A 484 15.26 -6.94 14.59
C THR A 484 15.49 -7.57 15.97
N ASN A 485 15.22 -6.80 17.03
CA ASN A 485 15.34 -7.27 18.40
C ASN A 485 16.75 -7.72 18.75
N THR A 486 17.76 -7.01 18.25
CA THR A 486 19.14 -7.43 18.45
C THR A 486 20.00 -6.36 19.12
N GLU A 487 19.36 -5.40 19.79
CA GLU A 487 20.07 -4.28 20.41
C GLU A 487 20.99 -4.74 21.53
N GLY A 488 20.70 -5.92 22.09
CA GLY A 488 21.50 -6.45 23.18
C GLY A 488 22.56 -7.45 22.76
N GLU A 489 22.68 -7.71 21.45
CA GLU A 489 23.64 -8.71 20.98
C GLU A 489 25.01 -8.10 20.71
N GLU A 490 26.04 -8.75 21.22
CA GLU A 490 27.42 -8.26 21.13
C GLU A 490 27.92 -8.10 19.68
N TYR A 491 27.49 -8.99 18.80
CA TYR A 491 27.84 -8.94 17.38
C TYR A 491 26.59 -8.68 16.55
N ALA A 492 26.78 -8.07 15.38
CA ALA A 492 25.72 -7.96 14.39
C ALA A 492 26.12 -8.78 13.17
N THR A 493 25.23 -9.65 12.72
CA THR A 493 25.55 -10.56 11.62
C THR A 493 25.22 -9.93 10.28
N VAL A 494 26.23 -9.76 9.43
CA VAL A 494 26.06 -9.05 8.15
C VAL A 494 26.09 -10.01 6.98
N THR A 495 25.04 -9.95 6.16
CA THR A 495 24.95 -10.77 4.96
C THR A 495 25.04 -9.85 3.74
N LEU A 496 26.05 -10.09 2.91
CA LEU A 496 26.19 -9.40 1.62
C LEU A 496 25.74 -10.33 0.51
N VAL A 497 24.79 -9.86 -0.30
CA VAL A 497 24.18 -10.68 -1.34
C VAL A 497 24.41 -10.05 -2.71
N PRO A 498 25.24 -10.71 -3.54
CA PRO A 498 25.53 -10.12 -4.85
C PRO A 498 24.31 -10.20 -5.75
N ARG A 499 24.01 -9.12 -6.48
CA ARG A 499 22.89 -9.13 -7.40
C ARG A 499 23.37 -9.12 -8.83
N THR A 500 24.27 -8.20 -9.16
CA THR A 500 24.79 -8.16 -10.52
C THR A 500 26.17 -7.51 -10.53
N GLY A 501 27.02 -7.94 -11.46
CA GLY A 501 28.34 -7.37 -11.62
C GLY A 501 29.30 -7.61 -10.48
N CYS A 502 29.05 -8.63 -9.65
CA CYS A 502 29.85 -8.86 -8.45
C CYS A 502 30.80 -10.06 -8.60
N GLU A 503 30.89 -10.62 -9.80
CA GLU A 503 31.70 -11.82 -10.03
C GLU A 503 33.15 -11.61 -9.63
N ASP A 504 33.65 -10.41 -9.91
CA ASP A 504 35.04 -10.05 -9.66
C ASP A 504 35.20 -9.16 -8.42
N LEU A 505 34.08 -8.86 -7.76
CA LEU A 505 34.07 -7.85 -6.71
C LEU A 505 34.68 -8.37 -5.40
N THR A 506 35.40 -7.48 -4.73
CA THR A 506 36.09 -7.76 -3.49
C THR A 506 35.70 -6.76 -2.39
N VAL A 507 35.54 -7.24 -1.17
CA VAL A 507 35.31 -6.35 -0.03
C VAL A 507 36.49 -6.46 0.92
N GLY A 508 37.05 -5.31 1.31
CA GLY A 508 38.31 -5.29 2.01
C GLY A 508 38.20 -5.05 3.51
N GLU A 509 37.13 -4.41 3.94
CA GLU A 509 36.96 -4.12 5.36
C GLU A 509 35.50 -3.95 5.72
N ILE A 510 35.13 -4.50 6.88
CA ILE A 510 33.80 -4.35 7.43
C ILE A 510 33.88 -4.05 8.92
N LYS A 511 33.23 -2.97 9.34
CA LYS A 511 33.20 -2.65 10.77
C LYS A 511 32.02 -1.75 11.13
N ILE A 512 31.75 -1.65 12.42
CA ILE A 512 30.66 -0.83 12.92
C ILE A 512 31.24 0.20 13.88
N GLU A 513 30.80 1.44 13.74
CA GLU A 513 31.27 2.55 14.56
C GLU A 513 30.13 3.40 15.08
N LEU A 514 30.34 4.02 16.22
CA LEU A 514 29.46 5.08 16.69
C LEU A 514 29.91 6.39 16.07
N VAL A 515 29.00 7.05 15.36
CA VAL A 515 29.29 8.32 14.69
C VAL A 515 28.47 9.43 15.36
N PRO A 516 29.14 10.31 16.11
CA PRO A 516 28.41 11.41 16.77
C PRO A 516 27.58 12.21 15.78
N ILE A 517 26.38 12.58 16.18
CA ILE A 517 25.48 13.32 15.32
C ILE A 517 25.86 14.80 15.40
N PRO A 518 26.22 15.40 14.24
CA PRO A 518 26.63 16.80 14.25
C PRO A 518 25.46 17.75 14.50
N LYS A 519 25.71 18.81 15.26
CA LYS A 519 24.69 19.81 15.58
C LYS A 519 24.96 21.14 14.86
N LEU B 3 -34.26 -29.21 20.76
CA LEU B 3 -33.84 -28.98 19.39
C LEU B 3 -34.97 -28.38 18.55
N ALA B 4 -34.91 -27.06 18.32
CA ALA B 4 -35.93 -26.38 17.52
C ALA B 4 -35.28 -25.49 16.44
N PRO B 5 -34.99 -26.06 15.27
CA PRO B 5 -34.33 -25.26 14.23
C PRO B 5 -35.26 -24.20 13.66
N ILE B 6 -34.70 -23.04 13.34
CA ILE B 6 -35.44 -21.99 12.64
C ILE B 6 -36.00 -22.57 11.34
N THR B 7 -37.30 -22.37 11.14
CA THR B 7 -38.02 -23.00 10.04
C THR B 7 -38.98 -22.00 9.38
N ALA B 8 -38.68 -21.62 8.15
CA ALA B 8 -39.55 -20.68 7.44
C ALA B 8 -40.91 -21.34 7.25
N PRO B 9 -42.01 -20.56 7.31
CA PRO B 9 -43.35 -21.12 7.10
C PRO B 9 -43.66 -21.18 5.61
N ASP B 10 -44.87 -21.57 5.22
CA ASP B 10 -45.31 -21.32 3.86
C ASP B 10 -45.38 -19.81 3.70
N ILE B 11 -44.29 -19.27 3.18
CA ILE B 11 -44.13 -17.82 3.04
C ILE B 11 -45.21 -17.21 2.17
N THR B 12 -45.84 -18.03 1.33
CA THR B 12 -46.85 -17.54 0.41
C THR B 12 -48.24 -17.58 1.04
N SER B 13 -48.33 -18.03 2.29
CA SER B 13 -49.63 -18.11 2.99
C SER B 13 -49.64 -17.40 4.34
N ILE B 14 -48.50 -17.32 5.01
CA ILE B 14 -48.41 -16.52 6.23
C ILE B 14 -47.21 -15.57 6.11
N CYS B 15 -47.53 -14.31 5.86
CA CYS B 15 -46.53 -13.26 5.65
C CYS B 15 -47.18 -11.92 5.99
N LYS B 16 -46.39 -10.97 6.48
CA LYS B 16 -46.90 -9.66 6.85
C LYS B 16 -45.98 -8.58 6.32
N ASP B 17 -46.49 -7.36 6.24
CA ASP B 17 -45.68 -6.26 5.74
C ASP B 17 -44.47 -6.06 6.66
N ALA B 18 -43.36 -5.67 6.04
CA ALA B 18 -42.13 -5.43 6.78
C ALA B 18 -42.30 -4.21 7.67
N SER B 19 -41.90 -4.35 8.93
CA SER B 19 -42.00 -3.25 9.90
C SER B 19 -40.80 -3.21 10.83
N SER B 20 -39.79 -4.03 10.53
CA SER B 20 -38.56 -4.04 11.29
C SER B 20 -37.42 -3.47 10.46
N GLY B 21 -36.51 -2.76 11.12
CA GLY B 21 -35.27 -2.33 10.48
C GLY B 21 -35.40 -1.16 9.51
N ILE B 22 -36.55 -0.49 9.52
CA ILE B 22 -36.75 0.67 8.65
C ILE B 22 -37.07 1.88 9.52
N GLY B 23 -36.04 2.68 9.79
CA GLY B 23 -36.15 3.78 10.72
C GLY B 23 -37.14 4.86 10.31
N ASN B 24 -37.32 5.02 9.01
CA ASN B 24 -38.24 6.02 8.48
C ASN B 24 -39.19 5.40 7.45
N GLN B 25 -40.32 4.89 7.92
CA GLN B 25 -41.26 4.21 7.04
C GLN B 25 -42.06 5.24 6.25
N GLU B 26 -42.38 6.35 6.90
CA GLU B 26 -42.90 7.51 6.18
C GLU B 26 -41.83 7.98 5.20
N GLY B 27 -42.16 8.08 3.92
CA GLY B 27 -41.15 8.48 2.94
C GLY B 27 -40.11 7.42 2.59
N ALA B 28 -40.33 6.17 3.00
CA ALA B 28 -39.49 5.09 2.51
C ALA B 28 -39.56 5.08 0.98
N ILE B 29 -38.41 4.97 0.33
CA ILE B 29 -38.33 5.05 -1.13
C ILE B 29 -38.85 3.76 -1.77
N ARG B 30 -38.70 2.64 -1.09
CA ARG B 30 -39.16 1.35 -1.59
C ARG B 30 -40.34 0.85 -0.76
N THR B 31 -41.05 -0.15 -1.28
CA THR B 31 -42.24 -0.65 -0.61
C THR B 31 -41.89 -1.47 0.63
N ARG B 32 -42.84 -1.56 1.55
CA ARG B 32 -42.71 -2.45 2.69
C ARG B 32 -43.57 -3.70 2.48
N LYS B 33 -44.30 -3.74 1.38
CA LYS B 33 -45.12 -4.90 1.04
C LYS B 33 -44.24 -5.94 0.35
N CYS B 34 -43.50 -6.68 1.16
CA CYS B 34 -42.41 -7.52 0.67
C CYS B 34 -42.79 -9.00 0.58
N CYS B 35 -44.08 -9.33 0.70
CA CYS B 35 -44.47 -10.74 0.70
C CYS B 35 -44.41 -11.33 -0.71
N PRO B 36 -44.02 -12.61 -0.81
CA PRO B 36 -43.88 -13.22 -2.13
C PRO B 36 -45.25 -13.50 -2.77
N PRO B 37 -45.29 -13.68 -4.09
CA PRO B 37 -46.58 -13.97 -4.74
C PRO B 37 -47.20 -15.28 -4.25
N SER B 38 -48.53 -15.25 -4.09
CA SER B 38 -49.30 -16.45 -3.77
C SER B 38 -49.79 -17.13 -5.06
N LEU B 39 -49.33 -18.36 -5.28
CA LEU B 39 -49.71 -19.10 -6.46
C LEU B 39 -50.32 -20.46 -6.10
N GLY B 40 -50.61 -20.64 -4.81
CA GLY B 40 -51.19 -21.88 -4.32
C GLY B 40 -50.29 -23.09 -4.53
N LYS B 41 -48.99 -22.85 -4.63
CA LYS B 41 -48.05 -23.94 -4.87
C LYS B 41 -47.80 -24.75 -3.60
N LYS B 42 -47.57 -26.05 -3.77
CA LYS B 42 -47.12 -26.89 -2.68
C LYS B 42 -45.61 -26.78 -2.56
N ILE B 43 -45.12 -26.69 -1.32
CA ILE B 43 -43.70 -26.61 -1.08
C ILE B 43 -43.07 -27.98 -1.31
N LYS B 44 -42.04 -27.98 -2.14
CA LYS B 44 -41.31 -29.18 -2.52
C LYS B 44 -39.96 -29.20 -1.85
N ASP B 45 -39.42 -30.38 -1.57
CA ASP B 45 -38.10 -30.42 -0.98
C ASP B 45 -37.05 -30.26 -2.06
N PHE B 46 -35.97 -29.61 -1.67
CA PHE B 46 -34.81 -29.41 -2.52
C PHE B 46 -34.27 -30.72 -3.10
N GLN B 47 -33.84 -30.66 -4.36
CA GLN B 47 -33.02 -31.72 -4.96
C GLN B 47 -31.73 -31.13 -5.48
N PHE B 48 -30.63 -31.82 -5.22
CA PHE B 48 -29.34 -31.35 -5.70
C PHE B 48 -29.38 -31.20 -7.22
N PRO B 49 -28.79 -30.13 -7.72
CA PRO B 49 -28.89 -29.85 -9.15
C PRO B 49 -28.06 -30.84 -9.97
N ASN B 50 -28.50 -31.12 -11.19
CA ASN B 50 -27.76 -32.00 -12.08
C ASN B 50 -27.16 -31.24 -13.26
N ASP B 51 -26.88 -29.95 -13.06
CA ASP B 51 -26.21 -29.13 -14.08
C ASP B 51 -25.04 -29.89 -14.66
N LYS B 52 -24.88 -29.82 -15.98
CA LYS B 52 -23.73 -30.38 -16.67
C LYS B 52 -22.42 -29.76 -16.15
N LYS B 53 -22.43 -28.44 -16.03
CA LYS B 53 -21.22 -27.70 -15.66
C LYS B 53 -21.39 -26.97 -14.35
N VAL B 54 -20.25 -26.64 -13.74
CA VAL B 54 -20.19 -25.74 -12.60
C VAL B 54 -20.20 -24.28 -13.08
N ARG B 55 -21.08 -23.46 -12.50
CA ARG B 55 -21.15 -22.03 -12.81
C ARG B 55 -19.95 -21.32 -12.19
N MET B 56 -19.15 -20.65 -13.00
CA MET B 56 -17.93 -20.07 -12.48
C MET B 56 -18.09 -18.57 -12.32
N ARG B 57 -18.36 -18.16 -11.09
CA ARG B 57 -18.58 -16.75 -10.81
C ARG B 57 -17.28 -15.98 -11.02
N TRP B 58 -17.39 -14.80 -11.59
CA TRP B 58 -16.21 -14.10 -12.14
C TRP B 58 -16.00 -12.73 -11.45
N PRO B 59 -14.73 -12.34 -11.22
CA PRO B 59 -14.52 -11.01 -10.64
C PRO B 59 -15.15 -9.91 -11.47
N ALA B 60 -15.93 -9.06 -10.82
CA ALA B 60 -16.72 -8.05 -11.53
C ALA B 60 -15.86 -7.05 -12.30
N HIS B 61 -14.57 -6.95 -11.97
CA HIS B 61 -13.70 -6.01 -12.67
C HIS B 61 -12.90 -6.69 -13.79
N LYS B 62 -13.10 -7.99 -13.98
CA LYS B 62 -12.28 -8.76 -14.92
C LYS B 62 -13.12 -9.76 -15.74
N GLY B 63 -14.35 -9.41 -16.06
CA GLY B 63 -15.22 -10.29 -16.83
C GLY B 63 -14.90 -10.23 -18.32
N THR B 64 -15.14 -11.34 -19.00
CA THR B 64 -15.12 -11.39 -20.45
C THR B 64 -16.31 -10.62 -21.00
N LYS B 65 -16.27 -10.32 -22.30
CA LYS B 65 -17.41 -9.67 -22.95
C LYS B 65 -18.69 -10.47 -22.76
N LYS B 66 -18.61 -11.78 -22.96
CA LYS B 66 -19.79 -12.64 -22.84
C LYS B 66 -20.33 -12.68 -21.42
N GLN B 67 -19.43 -12.74 -20.43
CA GLN B 67 -19.86 -12.74 -19.04
C GLN B 67 -20.62 -11.45 -18.71
N VAL B 68 -20.07 -10.32 -19.11
CA VAL B 68 -20.71 -9.04 -18.83
C VAL B 68 -22.02 -8.92 -19.61
N ASP B 69 -21.98 -9.29 -20.89
CA ASP B 69 -23.14 -9.15 -21.77
C ASP B 69 -24.27 -10.05 -21.29
N ASP B 70 -23.93 -11.28 -20.90
CA ASP B 70 -24.93 -12.22 -20.40
C ASP B 70 -25.60 -11.70 -19.13
N TYR B 71 -24.78 -11.18 -18.22
CA TYR B 71 -25.28 -10.65 -16.96
C TYR B 71 -26.19 -9.43 -17.19
N ARG B 72 -25.75 -8.49 -18.02
CA ARG B 72 -26.58 -7.32 -18.34
C ARG B 72 -27.90 -7.72 -18.94
N ARG B 73 -27.85 -8.65 -19.90
CA ARG B 73 -29.05 -9.11 -20.60
C ARG B 73 -30.00 -9.82 -19.64
N ALA B 74 -29.45 -10.59 -18.71
CA ALA B 74 -30.28 -11.31 -17.75
C ALA B 74 -30.96 -10.35 -16.79
N ILE B 75 -30.22 -9.36 -16.29
CA ILE B 75 -30.84 -8.33 -15.46
C ILE B 75 -31.91 -7.56 -16.23
N ALA B 76 -31.66 -7.27 -17.51
CA ALA B 76 -32.65 -6.56 -18.29
C ALA B 76 -33.93 -7.41 -18.41
N ALA B 77 -33.77 -8.71 -18.61
CA ALA B 77 -34.94 -9.60 -18.73
C ALA B 77 -35.68 -9.66 -17.40
N MET B 78 -34.94 -9.73 -16.30
CA MET B 78 -35.53 -9.76 -14.97
C MET B 78 -36.35 -8.49 -14.72
N ARG B 79 -35.80 -7.34 -15.13
CA ARG B 79 -36.47 -6.06 -14.92
C ARG B 79 -37.75 -5.96 -15.73
N ALA B 80 -37.80 -6.66 -16.85
CA ALA B 80 -38.91 -6.52 -17.79
C ALA B 80 -40.09 -7.43 -17.40
N LEU B 81 -39.85 -8.37 -16.50
CA LEU B 81 -40.94 -9.24 -16.03
C LEU B 81 -41.97 -8.45 -15.24
N PRO B 82 -43.22 -8.93 -15.21
CA PRO B 82 -44.21 -8.28 -14.34
C PRO B 82 -43.78 -8.35 -12.89
N ASP B 83 -44.00 -7.28 -12.13
CA ASP B 83 -43.59 -7.24 -10.72
C ASP B 83 -44.05 -8.47 -9.95
N ASP B 84 -45.28 -8.90 -10.21
CA ASP B 84 -45.87 -10.02 -9.47
C ASP B 84 -45.27 -11.38 -9.80
N ASP B 85 -44.56 -11.48 -10.92
CA ASP B 85 -43.84 -12.72 -11.23
C ASP B 85 -42.77 -12.92 -10.13
N PRO B 86 -42.70 -14.13 -9.53
CA PRO B 86 -41.75 -14.34 -8.43
C PRO B 86 -40.29 -14.23 -8.88
N ARG B 87 -40.05 -14.23 -10.18
CA ARG B 87 -38.69 -14.10 -10.73
C ARG B 87 -38.31 -12.67 -11.05
N SER B 88 -39.23 -11.75 -10.87
CA SER B 88 -39.05 -10.35 -11.26
C SER B 88 -37.99 -9.65 -10.41
N PHE B 89 -37.50 -8.52 -10.93
CA PHE B 89 -36.47 -7.73 -10.26
C PHE B 89 -36.96 -7.32 -8.87
N VAL B 90 -38.20 -6.85 -8.81
CA VAL B 90 -38.86 -6.46 -7.56
C VAL B 90 -39.11 -7.64 -6.63
N SER B 91 -39.61 -8.76 -7.16
CA SER B 91 -39.85 -9.92 -6.32
C SER B 91 -38.56 -10.41 -5.68
N GLN B 92 -37.46 -10.36 -6.43
CA GLN B 92 -36.20 -10.86 -5.92
C GLN B 92 -35.68 -9.93 -4.83
N ALA B 93 -35.83 -8.63 -5.02
CA ALA B 93 -35.45 -7.64 -4.01
C ALA B 93 -36.25 -7.83 -2.73
N LYS B 94 -37.55 -8.10 -2.90
CA LYS B 94 -38.45 -8.24 -1.77
C LYS B 94 -38.08 -9.41 -0.87
N ILE B 95 -37.47 -10.45 -1.44
CA ILE B 95 -37.07 -11.61 -0.65
C ILE B 95 -36.23 -11.18 0.54
N HIS B 96 -35.24 -10.32 0.29
CA HIS B 96 -34.33 -9.88 1.34
C HIS B 96 -35.10 -9.12 2.41
N CYS B 97 -35.97 -8.24 1.96
CA CYS B 97 -36.84 -7.48 2.85
C CYS B 97 -37.68 -8.40 3.73
N ALA B 98 -38.28 -9.41 3.11
CA ALA B 98 -39.16 -10.31 3.86
C ALA B 98 -38.39 -11.04 4.97
N TYR B 99 -37.20 -11.57 4.64
CA TYR B 99 -36.43 -12.34 5.61
C TYR B 99 -35.63 -11.48 6.61
N CYS B 100 -35.35 -10.23 6.25
CA CYS B 100 -34.51 -9.37 7.07
C CYS B 100 -35.27 -8.30 7.83
N ASN B 101 -36.50 -8.02 7.40
CA ASN B 101 -37.26 -6.92 7.95
C ASN B 101 -38.64 -7.34 8.46
N GLY B 102 -38.77 -8.61 8.87
CA GLY B 102 -39.88 -9.03 9.71
C GLY B 102 -41.11 -9.58 9.00
N GLY B 103 -40.94 -10.12 7.81
CA GLY B 103 -42.07 -10.64 7.05
C GLY B 103 -42.67 -11.91 7.62
N TYR B 104 -41.83 -12.74 8.23
CA TYR B 104 -42.20 -14.07 8.65
C TYR B 104 -42.02 -14.28 10.15
N THR B 105 -42.79 -15.22 10.70
CA THR B 105 -42.70 -15.57 12.12
C THR B 105 -42.28 -17.02 12.31
N GLN B 106 -42.04 -17.39 13.56
CA GLN B 106 -41.69 -18.78 13.86
C GLN B 106 -42.92 -19.65 14.09
N VAL B 107 -44.02 -19.31 13.42
CA VAL B 107 -45.29 -20.00 13.60
C VAL B 107 -45.16 -21.52 13.39
N ASP B 108 -44.38 -21.94 12.39
CA ASP B 108 -44.26 -23.38 12.11
C ASP B 108 -43.53 -24.10 13.24
N SER B 109 -42.79 -23.36 14.07
CA SER B 109 -42.13 -23.93 15.24
C SER B 109 -42.99 -23.79 16.48
N GLY B 110 -44.16 -23.18 16.33
CA GLY B 110 -45.05 -22.98 17.46
C GLY B 110 -44.80 -21.68 18.22
N PHE B 111 -44.10 -20.73 17.60
CA PHE B 111 -43.84 -19.43 18.22
C PHE B 111 -44.31 -18.32 17.29
N PRO B 112 -45.62 -18.08 17.24
CA PRO B 112 -46.20 -17.14 16.27
C PRO B 112 -45.85 -15.69 16.55
N ASP B 113 -45.31 -15.38 17.73
CA ASP B 113 -45.00 -14.00 18.10
C ASP B 113 -43.52 -13.63 18.01
N ILE B 114 -42.71 -14.52 17.42
CA ILE B 114 -41.29 -14.22 17.21
C ILE B 114 -41.00 -14.18 15.72
N ASP B 115 -40.54 -13.03 15.23
CA ASP B 115 -40.15 -12.90 13.83
C ASP B 115 -38.91 -13.73 13.52
N ILE B 116 -38.86 -14.26 12.30
CA ILE B 116 -37.64 -14.86 11.79
C ILE B 116 -36.75 -13.71 11.34
N GLN B 117 -35.53 -13.70 11.87
CA GLN B 117 -34.48 -12.78 11.44
C GLN B 117 -33.25 -13.60 11.09
N ILE B 118 -32.86 -13.60 9.82
CA ILE B 118 -31.73 -14.43 9.41
C ILE B 118 -30.41 -13.70 9.65
N HIS B 119 -30.44 -12.39 9.82
CA HIS B 119 -29.22 -11.62 10.12
C HIS B 119 -28.83 -11.73 11.59
N ASN B 120 -27.63 -11.22 11.91
CA ASN B 120 -27.03 -11.29 13.24
C ASN B 120 -27.21 -12.66 13.91
N SER B 121 -26.88 -13.71 13.18
CA SER B 121 -26.90 -15.05 13.72
C SER B 121 -26.13 -15.99 12.81
N TRP B 122 -26.03 -17.25 13.20
CA TRP B 122 -25.36 -18.24 12.36
C TRP B 122 -26.15 -18.58 11.07
N LEU B 123 -27.33 -17.99 10.88
CA LEU B 123 -28.07 -18.18 9.63
C LEU B 123 -27.61 -17.23 8.50
N PHE B 124 -26.81 -16.24 8.86
CA PHE B 124 -26.40 -15.21 7.92
C PHE B 124 -25.80 -15.78 6.63
N PHE B 125 -24.78 -16.61 6.76
CA PHE B 125 -24.11 -17.10 5.56
C PHE B 125 -24.97 -18.06 4.73
N PRO B 126 -25.55 -19.09 5.36
CA PRO B 126 -26.31 -20.04 4.54
C PRO B 126 -27.55 -19.43 3.91
N PHE B 127 -28.23 -18.53 4.62
CA PHE B 127 -29.39 -17.89 4.01
C PHE B 127 -28.99 -17.20 2.72
N HIS B 128 -27.95 -16.38 2.76
CA HIS B 128 -27.61 -15.62 1.57
C HIS B 128 -27.05 -16.51 0.48
N ARG B 129 -26.42 -17.62 0.85
CA ARG B 129 -25.95 -18.59 -0.13
C ARG B 129 -27.14 -19.14 -0.94
N TRP B 130 -28.19 -19.53 -0.23
CA TRP B 130 -29.38 -20.06 -0.90
C TRP B 130 -30.08 -19.02 -1.75
N TYR B 131 -30.20 -17.81 -1.20
CA TYR B 131 -30.82 -16.67 -1.88
C TYR B 131 -30.14 -16.45 -3.26
N LEU B 132 -28.82 -16.41 -3.27
CA LEU B 132 -28.07 -16.19 -4.49
C LEU B 132 -28.12 -17.41 -5.41
N TYR B 133 -28.19 -18.60 -4.82
CA TYR B 133 -28.28 -19.83 -5.59
C TYR B 133 -29.49 -19.78 -6.53
N PHE B 134 -30.66 -19.47 -5.97
CA PHE B 134 -31.88 -19.39 -6.78
C PHE B 134 -31.87 -18.17 -7.69
N TYR B 135 -31.37 -17.06 -7.19
CA TYR B 135 -31.24 -15.83 -7.98
C TYR B 135 -30.44 -16.04 -9.27
N GLU B 136 -29.28 -16.68 -9.14
CA GLU B 136 -28.40 -16.98 -10.26
C GLU B 136 -29.07 -17.91 -11.28
N ARG B 137 -29.76 -18.95 -10.80
CA ARG B 137 -30.41 -19.91 -11.70
C ARG B 137 -31.58 -19.26 -12.41
N ILE B 138 -32.31 -18.39 -11.70
CA ILE B 138 -33.38 -17.63 -12.34
C ILE B 138 -32.82 -16.73 -13.45
N LEU B 139 -31.74 -15.99 -13.18
CA LEU B 139 -31.13 -15.16 -14.21
C LEU B 139 -30.73 -15.95 -15.43
N GLY B 140 -30.02 -17.05 -15.23
CA GLY B 140 -29.63 -17.90 -16.33
C GLY B 140 -30.82 -18.38 -17.14
N SER B 141 -31.89 -18.80 -16.45
CA SER B 141 -33.04 -19.32 -17.16
C SER B 141 -33.68 -18.28 -18.07
N LEU B 142 -33.60 -17.01 -17.67
CA LEU B 142 -34.26 -15.94 -18.43
C LEU B 142 -33.60 -15.68 -19.77
N ILE B 143 -32.33 -16.06 -19.90
CA ILE B 143 -31.61 -15.86 -21.18
C ILE B 143 -31.19 -17.18 -21.82
N ASP B 144 -31.74 -18.29 -21.33
CA ASP B 144 -31.45 -19.60 -21.89
C ASP B 144 -29.96 -19.94 -21.85
N GLU B 145 -29.30 -19.59 -20.75
CA GLU B 145 -27.89 -19.95 -20.52
C GLU B 145 -27.78 -20.92 -19.35
N PRO B 146 -27.68 -22.24 -19.63
CA PRO B 146 -27.71 -23.22 -18.55
C PRO B 146 -26.51 -23.16 -17.60
N ASN B 147 -25.44 -22.49 -18.03
CA ASN B 147 -24.22 -22.35 -17.23
C ASN B 147 -23.95 -20.90 -16.81
N PHE B 148 -25.00 -20.08 -16.73
CA PHE B 148 -24.88 -18.68 -16.32
C PHE B 148 -24.28 -18.55 -14.93
N ALA B 149 -23.36 -17.60 -14.77
CA ALA B 149 -22.75 -17.30 -13.48
C ALA B 149 -22.77 -15.81 -13.16
N LEU B 150 -23.04 -15.50 -11.90
CA LEU B 150 -22.91 -14.15 -11.37
C LEU B 150 -21.48 -13.66 -11.34
N PRO B 151 -21.30 -12.34 -11.47
CA PRO B 151 -20.01 -11.78 -11.05
C PRO B 151 -19.91 -11.77 -9.54
N TYR B 152 -18.71 -11.58 -9.00
CA TYR B 152 -18.56 -11.26 -7.58
C TYR B 152 -17.66 -10.05 -7.41
N TRP B 153 -17.96 -9.23 -6.42
CA TRP B 153 -17.22 -7.99 -6.16
C TRP B 153 -15.97 -8.35 -5.36
N LYS B 154 -14.83 -8.46 -6.05
CA LYS B 154 -13.62 -8.93 -5.39
C LYS B 154 -12.93 -7.80 -4.63
N TRP B 155 -13.58 -7.29 -3.58
CA TRP B 155 -13.01 -6.15 -2.84
C TRP B 155 -11.87 -6.58 -1.91
N ASP B 156 -11.46 -7.86 -1.96
CA ASP B 156 -10.28 -8.34 -1.25
C ASP B 156 -9.02 -8.30 -2.11
N GLU B 157 -9.19 -7.84 -3.36
CA GLU B 157 -8.09 -7.60 -4.29
C GLU B 157 -8.08 -6.11 -4.69
N PRO B 158 -6.91 -5.45 -4.63
CA PRO B 158 -6.86 -4.00 -4.89
C PRO B 158 -7.65 -3.52 -6.12
N LYS B 159 -7.47 -4.14 -7.29
CA LYS B 159 -8.16 -3.66 -8.48
C LYS B 159 -9.66 -3.93 -8.44
N GLY B 160 -10.08 -4.86 -7.59
CA GLY B 160 -11.51 -5.09 -7.40
C GLY B 160 -12.17 -4.20 -6.35
N MET B 161 -11.43 -3.29 -5.72
CA MET B 161 -12.00 -2.56 -4.60
C MET B 161 -12.99 -1.46 -5.06
N PRO B 162 -12.65 -0.66 -6.09
CA PRO B 162 -13.68 0.26 -6.60
C PRO B 162 -14.88 -0.49 -7.15
N ILE B 163 -16.04 0.17 -7.20
CA ILE B 163 -17.20 -0.39 -7.87
C ILE B 163 -16.84 -0.59 -9.34
N SER B 164 -17.05 -1.79 -9.84
CA SER B 164 -16.75 -2.07 -11.24
C SER B 164 -17.56 -1.16 -12.15
N ASN B 165 -16.92 -0.69 -13.21
CA ASN B 165 -17.58 0.19 -14.14
C ASN B 165 -18.77 -0.46 -14.88
N ILE B 166 -18.93 -1.78 -14.78
CA ILE B 166 -20.05 -2.43 -15.45
C ILE B 166 -21.37 -2.00 -14.82
N PHE B 167 -21.31 -1.56 -13.57
CA PHE B 167 -22.48 -1.08 -12.82
C PHE B 167 -22.79 0.42 -13.03
N LEU B 168 -21.92 1.14 -13.74
CA LEU B 168 -21.99 2.61 -13.79
C LEU B 168 -22.67 3.12 -15.05
N GLY B 169 -22.42 4.38 -15.40
CA GLY B 169 -23.11 5.00 -16.52
C GLY B 169 -24.47 5.54 -16.07
N ASP B 170 -25.51 5.26 -16.84
CA ASP B 170 -26.84 5.79 -16.55
C ASP B 170 -27.94 4.72 -16.63
N ALA B 171 -29.18 5.17 -16.57
CA ALA B 171 -30.36 4.29 -16.52
C ALA B 171 -30.50 3.34 -17.70
N SER B 172 -29.79 3.61 -18.80
CA SER B 172 -29.86 2.73 -19.96
C SER B 172 -29.04 1.46 -19.72
N ASN B 173 -28.28 1.46 -18.62
CA ASN B 173 -27.54 0.29 -18.20
C ASN B 173 -28.38 -0.49 -17.17
N PRO B 174 -28.80 -1.73 -17.50
CA PRO B 174 -29.61 -2.50 -16.56
C PRO B 174 -28.94 -2.70 -15.20
N LEU B 175 -27.61 -2.62 -15.16
CA LEU B 175 -26.88 -2.83 -13.93
C LEU B 175 -26.78 -1.58 -13.04
N TYR B 176 -27.29 -0.46 -13.54
CA TYR B 176 -27.21 0.83 -12.87
C TYR B 176 -28.30 1.02 -11.81
N ASP B 177 -27.97 1.74 -10.74
CA ASP B 177 -28.93 2.13 -9.70
C ASP B 177 -28.66 3.58 -9.33
N GLN B 178 -29.66 4.44 -9.45
CA GLN B 178 -29.46 5.86 -9.15
C GLN B 178 -29.27 6.06 -7.64
N TYR B 179 -29.78 5.13 -6.82
CA TYR B 179 -29.73 5.31 -5.37
C TYR B 179 -28.45 4.69 -4.78
N ARG B 180 -27.34 5.36 -5.08
CA ARG B 180 -26.03 5.06 -4.53
C ARG B 180 -25.36 6.37 -4.10
N ASP B 181 -24.35 6.28 -3.25
CA ASP B 181 -23.62 7.44 -2.79
C ASP B 181 -22.86 8.05 -3.97
N ALA B 182 -23.24 9.27 -4.32
CA ALA B 182 -22.68 9.95 -5.48
C ALA B 182 -21.16 10.13 -5.34
N ASN B 183 -20.68 10.25 -4.11
CA ASN B 183 -19.26 10.41 -3.86
C ASN B 183 -18.45 9.12 -4.06
N HIS B 184 -19.13 7.99 -4.18
CA HIS B 184 -18.45 6.69 -4.10
C HIS B 184 -18.51 5.92 -5.41
N ILE B 185 -19.15 6.49 -6.41
CA ILE B 185 -19.23 5.85 -7.72
C ILE B 185 -18.23 6.47 -8.70
N GLU B 186 -17.31 7.26 -8.16
CA GLU B 186 -16.33 7.98 -8.98
C GLU B 186 -15.05 7.18 -9.14
N ASP B 187 -15.18 5.86 -9.25
CA ASP B 187 -14.04 4.96 -9.27
C ASP B 187 -13.18 5.14 -7.99
N ARG B 188 -13.84 5.42 -6.88
CA ARG B 188 -13.13 5.51 -5.61
C ARG B 188 -13.05 4.13 -4.94
N ILE B 189 -12.01 3.93 -4.15
CA ILE B 189 -11.77 2.66 -3.48
C ILE B 189 -12.75 2.43 -2.32
N VAL B 190 -13.43 1.28 -2.30
CA VAL B 190 -14.35 0.99 -1.21
C VAL B 190 -13.61 1.04 0.13
N ASP B 191 -14.33 1.42 1.20
CA ASP B 191 -13.79 1.41 2.56
C ASP B 191 -14.44 0.24 3.30
N LEU B 192 -13.69 -0.83 3.52
CA LEU B 192 -14.22 -2.04 4.12
C LEU B 192 -14.43 -1.92 5.63
N ASP B 193 -14.17 -0.74 6.18
N ASP B 193 -14.11 -0.74 6.16
CA ASP B 193 -14.45 -0.48 7.58
CA ASP B 193 -14.31 -0.40 7.58
C ASP B 193 -15.09 0.89 7.69
C ASP B 193 -15.12 0.89 7.72
N TYR B 194 -15.92 1.20 6.70
CA TYR B 194 -16.64 2.48 6.63
C TYR B 194 -17.57 2.70 7.80
N ASP B 195 -17.66 3.94 8.26
CA ASP B 195 -18.53 4.27 9.39
C ASP B 195 -19.47 5.42 9.10
N GLY B 196 -19.62 5.79 7.82
CA GLY B 196 -20.58 6.81 7.44
C GLY B 196 -19.95 8.15 7.08
N LYS B 197 -18.63 8.26 7.21
CA LYS B 197 -17.92 9.46 6.78
C LYS B 197 -16.59 9.05 6.12
N ASP B 198 -16.30 9.65 4.98
CA ASP B 198 -15.07 9.32 4.24
C ASP B 198 -13.85 9.63 5.10
N LYS B 199 -12.92 8.68 5.13
CA LYS B 199 -11.62 8.88 5.77
C LYS B 199 -10.78 9.81 4.91
N ASP B 200 -9.71 10.34 5.51
CA ASP B 200 -8.82 11.26 4.82
C ASP B 200 -7.46 10.63 4.51
N ILE B 201 -7.42 9.31 4.33
CA ILE B 201 -6.14 8.63 4.16
C ILE B 201 -5.78 8.45 2.68
N PRO B 202 -4.49 8.22 2.38
CA PRO B 202 -4.07 7.92 1.00
C PRO B 202 -4.72 6.66 0.44
N ASP B 203 -4.99 6.62 -0.86
CA ASP B 203 -5.51 5.42 -1.52
C ASP B 203 -4.71 4.17 -1.16
N GLN B 204 -3.39 4.32 -1.15
CA GLN B 204 -2.49 3.23 -0.85
C GLN B 204 -2.76 2.67 0.54
N GLN B 205 -3.05 3.56 1.48
CA GLN B 205 -3.36 3.18 2.84
C GLN B 205 -4.74 2.56 2.93
N GLN B 206 -5.68 3.07 2.14
CA GLN B 206 -7.00 2.47 2.14
C GLN B 206 -6.94 1.03 1.63
N VAL B 207 -6.14 0.79 0.60
CA VAL B 207 -5.96 -0.55 0.05
C VAL B 207 -5.36 -1.46 1.11
N ALA B 208 -4.31 -0.96 1.75
CA ALA B 208 -3.60 -1.66 2.80
C ALA B 208 -4.50 -2.04 3.97
N CYS B 209 -5.29 -1.07 4.44
CA CYS B 209 -6.24 -1.37 5.52
C CYS B 209 -7.39 -2.28 5.05
N ASN B 210 -7.82 -2.18 3.80
CA ASN B 210 -8.84 -3.14 3.32
C ASN B 210 -8.32 -4.59 3.36
N LEU B 211 -7.08 -4.77 2.94
CA LEU B 211 -6.44 -6.07 3.02
C LEU B 211 -6.40 -6.49 4.49
N SER B 212 -6.10 -5.55 5.38
CA SER B 212 -6.07 -5.86 6.81
C SER B 212 -7.45 -6.21 7.36
N THR B 213 -8.48 -5.54 6.85
CA THR B 213 -9.86 -5.87 7.22
C THR B 213 -10.24 -7.29 6.86
N VAL B 214 -9.88 -7.70 5.65
CA VAL B 214 -10.18 -9.07 5.23
C VAL B 214 -9.47 -10.06 6.15
N TYR B 215 -8.19 -9.80 6.43
CA TYR B 215 -7.43 -10.66 7.36
C TYR B 215 -8.05 -10.66 8.75
N ARG B 216 -8.57 -9.52 9.16
CA ARG B 216 -9.20 -9.40 10.47
C ARG B 216 -10.51 -10.21 10.55
N ASP B 217 -11.33 -10.09 9.52
CA ASP B 217 -12.61 -10.78 9.47
C ASP B 217 -12.41 -12.30 9.37
N LEU B 218 -11.42 -12.73 8.59
CA LEU B 218 -11.25 -14.14 8.30
C LEU B 218 -10.31 -14.87 9.25
N VAL B 219 -9.41 -14.13 9.91
CA VAL B 219 -8.38 -14.77 10.73
C VAL B 219 -8.34 -14.28 12.18
N ARG B 220 -8.21 -12.98 12.38
CA ARG B 220 -8.02 -12.43 13.73
C ARG B 220 -9.26 -12.55 14.61
N ASN B 221 -10.41 -12.17 14.04
CA ASN B 221 -11.68 -12.32 14.73
C ASN B 221 -12.43 -13.56 14.27
N GLY B 222 -12.19 -14.02 13.05
CA GLY B 222 -12.88 -15.21 12.55
C GLY B 222 -12.26 -16.52 13.03
N VAL B 223 -12.19 -16.72 14.35
CA VAL B 223 -11.30 -17.74 14.92
C VAL B 223 -11.97 -19.11 15.09
N ASP B 224 -13.30 -19.14 15.00
CA ASP B 224 -14.01 -20.40 15.10
C ASP B 224 -15.42 -20.20 14.55
N PRO B 225 -16.22 -21.28 14.48
CA PRO B 225 -17.55 -21.12 13.86
C PRO B 225 -18.44 -20.08 14.52
N THR B 226 -18.42 -19.99 15.84
CA THR B 226 -19.25 -19.00 16.53
C THR B 226 -18.85 -17.61 16.09
N SER B 227 -17.55 -17.33 16.16
CA SER B 227 -17.05 -16.00 15.88
C SER B 227 -17.18 -15.63 14.40
N PHE B 228 -17.01 -16.61 13.51
CA PHE B 228 -17.07 -16.33 12.09
C PHE B 228 -18.51 -16.32 11.55
N PHE B 229 -19.26 -17.38 11.81
CA PHE B 229 -20.62 -17.51 11.28
C PHE B 229 -21.66 -16.68 12.02
N GLY B 230 -21.45 -16.47 13.31
CA GLY B 230 -22.43 -15.82 14.16
C GLY B 230 -22.96 -16.79 15.18
N GLY B 231 -23.64 -16.26 16.20
CA GLY B 231 -24.04 -17.05 17.35
C GLY B 231 -25.23 -17.97 17.11
N LYS B 232 -25.42 -18.91 18.02
CA LYS B 232 -26.50 -19.88 17.92
C LYS B 232 -27.87 -19.22 18.02
N TYR B 233 -28.72 -19.57 17.06
CA TYR B 233 -30.06 -19.01 16.94
C TYR B 233 -31.04 -20.14 16.65
N VAL B 234 -31.99 -20.34 17.56
CA VAL B 234 -33.03 -21.36 17.39
C VAL B 234 -34.41 -20.75 17.66
N ALA B 235 -35.47 -21.48 17.33
CA ALA B 235 -36.82 -21.01 17.58
C ALA B 235 -37.08 -20.88 19.08
N GLY B 236 -37.95 -19.95 19.45
CA GLY B 236 -38.36 -19.78 20.85
C GLY B 236 -37.60 -18.66 21.55
N ASP B 244 -30.36 -10.54 20.78
CA ASP B 244 -29.76 -11.09 19.56
C ASP B 244 -28.72 -12.18 19.87
N PRO B 245 -28.55 -13.15 18.96
CA PRO B 245 -27.32 -13.96 19.00
C PRO B 245 -26.14 -13.07 18.69
N SER B 246 -24.92 -13.50 18.98
CA SER B 246 -23.75 -12.71 18.59
C SER B 246 -23.65 -12.59 17.06
N VAL B 247 -23.21 -11.44 16.58
CA VAL B 247 -22.99 -11.22 15.16
C VAL B 247 -21.57 -11.66 14.77
N GLY B 248 -21.47 -12.25 13.60
CA GLY B 248 -20.21 -12.80 13.11
C GLY B 248 -19.26 -11.74 12.60
N SER B 249 -17.99 -12.13 12.47
CA SER B 249 -16.93 -11.21 12.12
C SER B 249 -17.14 -10.56 10.75
N VAL B 250 -17.43 -11.37 9.72
CA VAL B 250 -17.67 -10.82 8.40
C VAL B 250 -18.96 -9.97 8.39
N GLU B 251 -20.04 -10.50 8.94
CA GLU B 251 -21.33 -9.81 8.88
C GLU B 251 -21.24 -8.38 9.43
N ALA B 252 -20.61 -8.23 10.59
CA ALA B 252 -20.53 -6.92 11.23
C ALA B 252 -19.28 -6.12 10.81
N GLY B 253 -18.49 -6.67 9.89
CA GLY B 253 -17.26 -6.02 9.45
C GLY B 253 -17.39 -5.54 8.02
N SER B 254 -16.54 -6.10 7.15
CA SER B 254 -16.54 -5.81 5.72
C SER B 254 -17.93 -5.82 5.07
N HIS B 255 -18.76 -6.80 5.40
CA HIS B 255 -20.09 -6.93 4.79
C HIS B 255 -20.95 -5.70 5.05
N THR B 256 -20.98 -5.27 6.30
CA THR B 256 -21.82 -4.13 6.68
C THR B 256 -21.24 -2.85 6.12
N ALA B 257 -19.92 -2.74 6.14
CA ALA B 257 -19.25 -1.55 5.65
C ALA B 257 -19.65 -1.29 4.20
N VAL B 258 -19.68 -2.33 3.38
CA VAL B 258 -19.95 -2.12 1.96
C VAL B 258 -21.39 -1.65 1.74
N HIS B 259 -22.35 -2.21 2.50
CA HIS B 259 -23.74 -1.74 2.45
C HIS B 259 -23.84 -0.24 2.65
N ARG B 260 -23.25 0.24 3.73
CA ARG B 260 -23.33 1.65 4.08
C ARG B 260 -22.53 2.54 3.12
N TRP B 261 -21.47 1.99 2.52
CA TRP B 261 -20.64 2.76 1.60
C TRP B 261 -21.34 3.02 0.27
N VAL B 262 -22.08 2.02 -0.22
CA VAL B 262 -22.78 2.15 -1.49
C VAL B 262 -24.12 2.87 -1.37
N GLY B 263 -24.87 2.62 -0.29
CA GLY B 263 -26.14 3.27 -0.10
C GLY B 263 -26.06 4.80 -0.15
N ASP B 264 -27.08 5.42 -0.74
CA ASP B 264 -27.11 6.86 -0.89
C ASP B 264 -27.47 7.60 0.42
N PRO B 265 -26.51 8.33 1.01
CA PRO B 265 -26.77 8.95 2.33
C PRO B 265 -27.81 10.05 2.30
N THR B 266 -28.16 10.54 1.11
CA THR B 266 -29.18 11.58 1.01
C THR B 266 -30.59 10.99 1.06
N GLN B 267 -30.70 9.66 1.13
CA GLN B 267 -32.00 8.99 1.19
C GLN B 267 -32.43 8.77 2.65
N PRO B 268 -33.76 8.73 2.91
CA PRO B 268 -34.34 8.54 4.26
C PRO B 268 -33.77 7.36 5.04
N ASN B 269 -33.59 6.21 4.39
CA ASN B 269 -33.02 5.03 5.04
C ASN B 269 -31.74 4.57 4.35
N ASN B 270 -31.06 5.49 3.68
CA ASN B 270 -29.80 5.20 2.97
C ASN B 270 -29.99 4.15 1.87
N GLU B 271 -31.19 4.13 1.30
CA GLU B 271 -31.49 3.27 0.17
C GLU B 271 -30.48 3.51 -0.96
N ASP B 272 -30.18 2.49 -1.77
CA ASP B 272 -30.75 1.15 -1.65
C ASP B 272 -29.94 0.27 -0.71
N MET B 273 -28.63 0.18 -0.98
CA MET B 273 -27.74 -0.70 -0.25
C MET B 273 -27.65 -0.45 1.25
N GLY B 274 -27.98 0.75 1.69
CA GLY B 274 -27.80 1.09 3.09
C GLY B 274 -28.74 0.43 4.08
N ASN B 275 -29.80 -0.21 3.60
CA ASN B 275 -30.80 -0.83 4.49
C ASN B 275 -31.20 -2.18 3.94
N PHE B 276 -31.50 -3.14 4.83
CA PHE B 276 -31.84 -4.50 4.37
C PHE B 276 -33.05 -4.47 3.46
N TYR B 277 -34.03 -3.64 3.80
CA TYR B 277 -35.31 -3.69 3.11
C TYR B 277 -35.20 -3.25 1.63
N SER B 278 -34.20 -2.43 1.32
CA SER B 278 -34.06 -1.86 -0.02
C SER B 278 -32.82 -2.31 -0.78
N ALA B 279 -31.93 -3.04 -0.12
CA ALA B 279 -30.64 -3.37 -0.72
C ALA B 279 -30.78 -4.13 -2.04
N GLY B 280 -31.77 -5.02 -2.12
CA GLY B 280 -31.97 -5.83 -3.29
C GLY B 280 -32.35 -5.11 -4.58
N TYR B 281 -32.70 -3.82 -4.48
CA TYR B 281 -33.07 -3.05 -5.66
C TYR B 281 -31.82 -2.57 -6.41
N ASP B 282 -30.65 -2.74 -5.78
CA ASP B 282 -29.38 -2.44 -6.43
C ASP B 282 -28.76 -3.74 -6.92
N PRO B 283 -28.57 -3.87 -8.25
CA PRO B 283 -27.92 -5.08 -8.75
C PRO B 283 -26.61 -5.39 -8.01
N VAL B 284 -25.87 -4.36 -7.58
CA VAL B 284 -24.59 -4.60 -6.93
C VAL B 284 -24.73 -5.32 -5.58
N PHE B 285 -25.89 -5.25 -4.93
CA PHE B 285 -26.13 -5.97 -3.67
C PHE B 285 -25.81 -7.46 -3.79
N TYR B 286 -26.29 -8.09 -4.86
CA TYR B 286 -26.09 -9.52 -5.04
C TYR B 286 -24.63 -9.85 -5.31
N ILE B 287 -23.93 -8.90 -5.93
CA ILE B 287 -22.55 -9.12 -6.37
C ILE B 287 -21.60 -8.93 -5.19
N HIS B 288 -21.96 -8.00 -4.32
CA HIS B 288 -21.37 -7.92 -3.00
C HIS B 288 -21.55 -9.22 -2.23
N HIS B 289 -22.78 -9.68 -2.14
CA HIS B 289 -23.04 -10.88 -1.36
C HIS B 289 -22.41 -12.09 -2.03
N ALA B 290 -22.13 -12.02 -3.34
CA ALA B 290 -21.41 -13.13 -3.98
C ALA B 290 -20.01 -13.25 -3.39
N ASN B 291 -19.35 -12.11 -3.15
CA ASN B 291 -18.05 -12.19 -2.51
C ASN B 291 -18.16 -12.54 -1.04
N VAL B 292 -19.22 -12.09 -0.38
CA VAL B 292 -19.44 -12.51 1.00
C VAL B 292 -19.52 -14.04 1.05
N ASP B 293 -20.26 -14.61 0.11
CA ASP B 293 -20.40 -16.05 -0.02
C ASP B 293 -19.04 -16.69 -0.24
N ARG B 294 -18.23 -16.03 -1.05
CA ARG B 294 -16.86 -16.49 -1.32
C ARG B 294 -15.98 -16.46 -0.05
N MET B 295 -16.19 -15.49 0.85
CA MET B 295 -15.44 -15.44 2.10
C MET B 295 -15.60 -16.74 2.93
N TRP B 296 -16.78 -17.35 2.89
CA TRP B 296 -17.00 -18.62 3.57
C TRP B 296 -16.07 -19.67 2.97
N LYS B 297 -16.04 -19.77 1.65
CA LYS B 297 -15.12 -20.69 0.99
C LYS B 297 -13.65 -20.44 1.40
N LEU B 298 -13.22 -19.19 1.29
CA LEU B 298 -11.83 -18.85 1.63
C LEU B 298 -11.50 -19.17 3.07
N TRP B 299 -12.44 -18.91 3.98
CA TRP B 299 -12.23 -19.15 5.40
C TRP B 299 -11.95 -20.64 5.66
N LYS B 300 -12.69 -21.50 4.97
CA LYS B 300 -12.45 -22.94 5.04
C LYS B 300 -11.09 -23.30 4.40
N GLU B 301 -10.80 -22.71 3.25
CA GLU B 301 -9.57 -23.04 2.52
C GLU B 301 -8.28 -22.62 3.27
N LEU B 302 -8.38 -21.66 4.18
CA LEU B 302 -7.24 -21.26 4.98
C LEU B 302 -6.70 -22.39 5.82
N ARG B 303 -7.59 -23.31 6.19
CA ARG B 303 -7.23 -24.52 6.90
C ARG B 303 -6.52 -24.23 8.22
N LEU B 304 -6.94 -23.15 8.87
CA LEU B 304 -6.42 -22.82 10.19
C LEU B 304 -7.24 -23.54 11.25
N PRO B 305 -6.62 -23.81 12.41
CA PRO B 305 -7.38 -24.38 13.53
C PRO B 305 -8.66 -23.61 13.81
N GLY B 306 -9.75 -24.33 14.04
CA GLY B 306 -11.05 -23.73 14.26
C GLY B 306 -11.87 -23.43 13.02
N HIS B 307 -11.25 -23.46 11.85
CA HIS B 307 -11.94 -23.10 10.62
C HIS B 307 -12.69 -24.32 10.07
N VAL B 308 -13.76 -24.68 10.76
CA VAL B 308 -14.54 -25.87 10.42
C VAL B 308 -16.00 -25.47 10.30
N ASP B 309 -16.76 -26.26 9.57
CA ASP B 309 -18.17 -25.95 9.39
C ASP B 309 -18.97 -26.38 10.62
N ILE B 310 -20.15 -25.79 10.77
CA ILE B 310 -21.04 -26.07 11.88
C ILE B 310 -21.63 -27.47 11.74
N THR B 311 -21.68 -28.22 12.84
CA THR B 311 -22.25 -29.56 12.84
C THR B 311 -23.42 -29.70 13.81
N ASP B 312 -23.80 -28.59 14.43
CA ASP B 312 -24.97 -28.56 15.31
C ASP B 312 -26.24 -28.86 14.51
N PRO B 313 -27.01 -29.91 14.90
CA PRO B 313 -28.26 -30.21 14.17
C PRO B 313 -29.24 -29.05 14.16
N ASP B 314 -29.18 -28.19 15.18
CA ASP B 314 -30.07 -27.03 15.25
C ASP B 314 -29.79 -26.02 14.15
N TRP B 315 -28.58 -26.07 13.60
CA TRP B 315 -28.20 -25.27 12.43
C TRP B 315 -28.42 -26.05 11.14
N LEU B 316 -27.96 -27.29 11.12
CA LEU B 316 -28.07 -28.14 9.93
C LEU B 316 -29.51 -28.25 9.43
N ASN B 317 -30.45 -28.35 10.36
CA ASN B 317 -31.85 -28.55 10.03
C ASN B 317 -32.70 -27.28 9.97
N ALA B 318 -32.06 -26.11 10.09
CA ALA B 318 -32.75 -24.86 9.82
C ALA B 318 -33.03 -24.77 8.32
N SER B 319 -34.15 -24.14 7.95
CA SER B 319 -34.55 -24.09 6.55
C SER B 319 -35.31 -22.85 6.15
N TYR B 320 -35.25 -22.55 4.84
CA TYR B 320 -35.89 -21.39 4.22
C TYR B 320 -36.68 -21.86 3.02
N VAL B 321 -37.50 -20.96 2.49
CA VAL B 321 -38.29 -21.27 1.31
C VAL B 321 -38.09 -20.20 0.23
N PHE B 322 -37.91 -20.66 -1.01
CA PHE B 322 -37.70 -19.78 -2.15
C PHE B 322 -38.45 -20.28 -3.37
N TYR B 323 -38.89 -19.35 -4.21
CA TYR B 323 -39.29 -19.68 -5.57
C TYR B 323 -38.04 -19.96 -6.41
N ASP B 324 -38.11 -20.99 -7.26
CA ASP B 324 -37.02 -21.26 -8.20
C ASP B 324 -37.42 -20.82 -9.62
N GLU B 325 -36.58 -21.16 -10.59
CA GLU B 325 -36.75 -20.69 -11.97
C GLU B 325 -37.96 -21.29 -12.68
N ASN B 326 -38.52 -22.36 -12.10
CA ASN B 326 -39.76 -22.94 -12.61
C ASN B 326 -40.97 -22.44 -11.84
N LYS B 327 -40.78 -21.43 -10.99
CA LYS B 327 -41.83 -20.89 -10.14
C LYS B 327 -42.40 -21.96 -9.17
N ASP B 328 -41.60 -22.98 -8.90
CA ASP B 328 -41.90 -23.94 -7.83
C ASP B 328 -41.45 -23.36 -6.49
N LEU B 329 -42.14 -23.73 -5.42
CA LEU B 329 -41.71 -23.39 -4.06
C LEU B 329 -40.83 -24.49 -3.53
N VAL B 330 -39.65 -24.12 -3.06
CA VAL B 330 -38.64 -25.09 -2.62
C VAL B 330 -38.18 -24.79 -1.18
N ARG B 331 -38.20 -25.81 -0.33
CA ARG B 331 -37.62 -25.70 1.01
C ARG B 331 -36.17 -26.15 0.96
N VAL B 332 -35.26 -25.32 1.48
CA VAL B 332 -33.83 -25.65 1.52
C VAL B 332 -33.28 -25.60 2.92
N TYR B 333 -32.37 -26.52 3.20
CA TYR B 333 -31.75 -26.66 4.51
C TYR B 333 -30.30 -26.20 4.52
N ASN B 334 -29.87 -25.64 5.64
CA ASN B 334 -28.48 -25.26 5.84
C ASN B 334 -27.52 -26.37 5.52
N LYS B 335 -27.84 -27.60 5.94
CA LYS B 335 -26.93 -28.71 5.77
C LYS B 335 -26.55 -28.93 4.32
N ASP B 336 -27.42 -28.53 3.39
CA ASP B 336 -27.25 -28.86 1.99
C ASP B 336 -26.51 -27.78 1.17
N CYS B 337 -26.07 -26.70 1.81
CA CYS B 337 -25.32 -25.67 1.08
C CYS B 337 -23.83 -25.58 1.46
N VAL B 338 -23.34 -26.49 2.30
CA VAL B 338 -21.96 -26.40 2.74
C VAL B 338 -20.93 -26.75 1.66
N ASN B 339 -21.33 -27.55 0.68
CA ASN B 339 -20.44 -28.00 -0.39
C ASN B 339 -20.78 -27.32 -1.71
N LEU B 340 -19.88 -26.47 -2.19
CA LEU B 340 -20.17 -25.71 -3.41
C LEU B 340 -20.26 -26.55 -4.66
N ASP B 341 -19.50 -27.64 -4.70
CA ASP B 341 -19.52 -28.55 -5.84
C ASP B 341 -20.93 -29.06 -6.06
N LYS B 342 -21.60 -29.40 -4.96
CA LYS B 342 -22.91 -30.00 -5.05
C LYS B 342 -23.95 -28.98 -5.48
N LEU B 343 -23.65 -27.69 -5.30
CA LEU B 343 -24.57 -26.64 -5.72
C LEU B 343 -24.25 -26.14 -7.13
N LYS B 344 -23.21 -26.71 -7.74
CA LYS B 344 -22.84 -26.46 -9.14
C LYS B 344 -22.46 -24.99 -9.39
N TYR B 345 -21.78 -24.39 -8.44
CA TYR B 345 -21.11 -23.12 -8.72
C TYR B 345 -19.83 -23.02 -7.90
N ASN B 346 -18.95 -22.13 -8.32
CA ASN B 346 -17.76 -21.82 -7.56
C ASN B 346 -17.32 -20.44 -8.00
N PHE B 347 -16.07 -20.09 -7.71
CA PHE B 347 -15.52 -18.78 -8.00
C PHE B 347 -14.20 -18.89 -8.73
N ILE B 348 -14.05 -18.14 -9.83
CA ILE B 348 -12.77 -18.08 -10.53
C ILE B 348 -11.72 -17.35 -9.67
N GLU B 349 -10.65 -18.06 -9.33
CA GLU B 349 -9.54 -17.53 -8.55
C GLU B 349 -8.31 -17.28 -9.44
N ASN B 350 -7.31 -16.58 -8.88
CA ASN B 350 -6.06 -16.33 -9.59
C ASN B 350 -5.15 -17.55 -9.57
N SER B 351 -4.08 -17.50 -10.35
CA SER B 351 -3.11 -18.58 -10.40
C SER B 351 -2.01 -18.43 -9.33
N LYS B 352 -2.03 -17.31 -8.61
CA LYS B 352 -1.00 -16.99 -7.63
C LYS B 352 -0.90 -18.05 -6.53
N VAL B 354 -0.57 -16.77 -3.56
CA VAL B 354 -1.06 -16.40 -2.24
C VAL B 354 -1.97 -15.19 -2.30
N PHE B 355 -3.04 -15.21 -1.51
CA PHE B 355 -3.96 -14.09 -1.43
C PHE B 355 -3.26 -12.85 -0.95
N PRO B 356 -3.59 -11.69 -1.53
CA PRO B 356 -2.88 -10.46 -1.19
C PRO B 356 -3.12 -10.02 0.26
N TRP B 357 -4.19 -10.51 0.89
CA TRP B 357 -4.52 -10.19 2.28
C TRP B 357 -4.02 -11.27 3.27
N ARG B 358 -3.44 -12.37 2.78
CA ARG B 358 -3.11 -13.51 3.62
C ARG B 358 -2.17 -13.18 4.77
N ASN B 359 -1.30 -12.20 4.55
CA ASN B 359 -0.29 -11.82 5.54
C ASN B 359 -0.49 -10.39 6.08
N SER B 360 -1.72 -9.90 5.95
CA SER B 360 -2.02 -8.53 6.38
C SER B 360 -2.40 -8.43 7.86
N ARG B 361 -1.73 -9.21 8.69
CA ARG B 361 -1.72 -8.98 10.12
C ARG B 361 -1.11 -7.60 10.39
N PRO B 362 -1.69 -6.80 11.29
CA PRO B 362 -1.09 -5.48 11.54
C PRO B 362 0.34 -5.56 12.01
N PRO B 363 1.17 -4.56 11.67
CA PRO B 363 2.56 -4.59 12.14
C PRO B 363 2.67 -4.58 13.67
N GLN B 364 3.62 -5.37 14.18
CA GLN B 364 3.95 -5.41 15.59
C GLN B 364 4.20 -4.00 16.14
N ARG B 365 3.62 -3.69 17.30
CA ARG B 365 3.84 -2.40 17.93
C ARG B 365 5.22 -2.38 18.60
N ARG B 366 6.00 -1.35 18.31
CA ARG B 366 7.30 -1.18 18.99
C ARG B 366 7.12 -0.76 20.44
N LYS B 367 7.87 -1.41 21.33
CA LYS B 367 7.82 -1.05 22.74
C LYS B 367 8.18 0.42 22.94
N SER B 368 9.08 0.92 22.09
CA SER B 368 9.56 2.29 22.23
C SER B 368 8.49 3.31 21.82
N ALA B 369 7.40 2.84 21.22
CA ALA B 369 6.27 3.69 20.87
C ALA B 369 5.21 3.68 21.97
N GLN B 370 5.43 2.90 23.02
CA GLN B 370 4.44 2.75 24.09
C GLN B 370 4.89 3.37 25.40
N VAL B 371 3.92 3.93 26.12
CA VAL B 371 4.14 4.57 27.42
C VAL B 371 4.32 3.53 28.50
N LYS B 378 -9.27 2.10 35.53
CA LYS B 378 -10.53 1.68 36.15
C LYS B 378 -10.97 0.30 35.66
N THR B 379 -11.15 -0.64 36.59
CA THR B 379 -11.48 -2.01 36.22
C THR B 379 -12.98 -2.20 36.02
N VAL B 380 -13.35 -3.33 35.42
CA VAL B 380 -14.75 -3.69 35.26
C VAL B 380 -15.45 -3.68 36.63
N GLU B 381 -14.80 -4.32 37.61
CA GLU B 381 -15.37 -4.43 38.95
C GLU B 381 -15.62 -3.07 39.57
N GLN B 382 -14.80 -2.09 39.23
CA GLN B 382 -14.90 -0.75 39.78
C GLN B 382 -15.85 0.11 38.95
N THR B 383 -16.47 -0.50 37.95
CA THR B 383 -17.35 0.22 37.03
C THR B 383 -18.80 -0.18 37.23
N LYS B 384 -19.68 0.81 37.25
CA LYS B 384 -21.12 0.56 37.33
C LYS B 384 -21.73 0.39 35.93
N PHE B 385 -22.16 -0.83 35.63
CA PHE B 385 -22.84 -1.12 34.37
C PHE B 385 -24.35 -1.05 34.53
N PRO B 386 -25.09 -0.84 33.42
CA PRO B 386 -24.53 -0.60 32.08
C PRO B 386 -23.89 0.78 31.94
N VAL B 387 -23.03 0.93 30.94
CA VAL B 387 -22.37 2.19 30.65
C VAL B 387 -22.96 2.80 29.38
N ARG B 388 -23.03 4.13 29.33
CA ARG B 388 -23.53 4.83 28.14
C ARG B 388 -22.36 5.19 27.24
N LEU B 389 -22.53 4.98 25.93
CA LEU B 389 -21.45 5.22 24.99
C LEU B 389 -21.63 6.53 24.24
N ASN B 390 -22.06 7.56 24.97
CA ASN B 390 -22.16 8.91 24.44
C ASN B 390 -20.78 9.57 24.41
N GLN B 391 -19.82 8.95 25.08
CA GLN B 391 -18.43 9.38 25.03
C GLN B 391 -17.51 8.17 24.91
N ILE B 392 -16.22 8.41 24.68
CA ILE B 392 -15.26 7.31 24.67
C ILE B 392 -15.22 6.64 26.03
N PHE B 393 -15.35 5.33 26.03
CA PHE B 393 -15.35 4.58 27.28
C PHE B 393 -14.13 3.68 27.37
N LYS B 394 -13.44 3.74 28.51
CA LYS B 394 -12.30 2.87 28.78
C LYS B 394 -12.55 2.09 30.07
N VAL B 395 -12.10 0.83 30.07
CA VAL B 395 -12.26 -0.02 31.23
C VAL B 395 -11.25 -1.16 31.21
N ARG B 396 -10.72 -1.51 32.38
CA ARG B 396 -9.76 -2.59 32.49
C ARG B 396 -10.47 -3.92 32.73
N VAL B 397 -10.22 -4.89 31.84
CA VAL B 397 -10.86 -6.19 31.90
C VAL B 397 -9.87 -7.28 32.33
N LYS B 398 -10.19 -7.96 33.43
CA LYS B 398 -9.34 -9.05 33.93
C LYS B 398 -9.27 -10.22 32.94
N ARG B 399 -8.05 -10.60 32.58
CA ARG B 399 -7.83 -11.73 31.68
C ARG B 399 -7.86 -13.05 32.44
N PRO B 400 -8.22 -14.14 31.75
CA PRO B 400 -8.31 -15.46 32.39
C PRO B 400 -6.94 -16.10 32.64
N ALA B 401 -5.92 -15.65 31.94
CA ALA B 401 -4.56 -16.14 32.10
C ALA B 401 -3.56 -15.16 31.48
N VAL B 402 -2.28 -15.27 31.85
CA VAL B 402 -1.23 -14.43 31.27
C VAL B 402 -0.09 -15.29 30.73
N ASN B 403 0.59 -14.81 29.69
CA ASN B 403 1.74 -15.50 29.10
C ASN B 403 1.47 -16.96 28.74
N ARG B 404 0.36 -17.23 28.09
CA ARG B 404 0.08 -18.59 27.65
C ARG B 404 1.11 -19.00 26.62
N THR B 405 1.40 -20.29 26.53
CA THR B 405 2.38 -20.81 25.60
C THR B 405 1.82 -20.85 24.18
N GLU B 406 2.69 -21.07 23.20
CA GLU B 406 2.26 -21.27 21.81
C GLU B 406 1.29 -22.43 21.69
N GLU B 407 1.55 -23.51 22.43
CA GLU B 407 0.68 -24.69 22.39
C GLU B 407 -0.70 -24.38 22.97
N GLU B 408 -0.75 -23.65 24.09
CA GLU B 408 -2.02 -23.25 24.69
C GLU B 408 -2.81 -22.35 23.74
N LYS B 409 -2.14 -21.40 23.09
CA LYS B 409 -2.83 -20.48 22.19
C LYS B 409 -3.27 -21.22 20.92
N ASP B 410 -2.56 -22.29 20.57
CA ASP B 410 -2.95 -23.15 19.47
C ASP B 410 -4.21 -23.97 19.78
N GLN B 411 -4.56 -24.07 21.06
CA GLN B 411 -5.69 -24.90 21.49
C GLN B 411 -6.86 -24.08 22.02
N ALA B 412 -6.62 -22.80 22.31
CA ALA B 412 -7.68 -21.94 22.83
C ALA B 412 -7.46 -20.49 22.44
N ASN B 413 -8.53 -19.86 21.97
CA ASN B 413 -8.53 -18.44 21.69
C ASN B 413 -8.95 -17.64 22.91
N GLU B 414 -8.21 -16.58 23.15
CA GLU B 414 -8.62 -15.61 24.15
C GLU B 414 -9.56 -14.62 23.47
N VAL B 415 -10.81 -14.60 23.92
CA VAL B 415 -11.83 -13.83 23.22
C VAL B 415 -12.43 -12.74 24.07
N LEU B 416 -12.45 -11.51 23.54
CA LEU B 416 -13.14 -10.40 24.18
C LEU B 416 -14.62 -10.42 23.79
N LEU B 417 -15.48 -10.54 24.79
CA LEU B 417 -16.92 -10.52 24.60
C LEU B 417 -17.51 -9.20 25.09
N ILE B 418 -18.13 -8.46 24.19
CA ILE B 418 -18.89 -7.28 24.56
C ILE B 418 -20.37 -7.67 24.44
N LYS B 419 -21.02 -7.78 25.59
CA LYS B 419 -22.37 -8.34 25.67
C LYS B 419 -23.38 -7.31 26.17
N LYS B 420 -24.66 -7.57 25.93
CA LYS B 420 -25.73 -6.66 26.34
C LYS B 420 -25.52 -5.28 25.76
N ILE B 421 -25.29 -5.22 24.44
CA ILE B 421 -25.14 -3.94 23.76
C ILE B 421 -26.54 -3.45 23.41
N LYS B 422 -27.00 -2.46 24.16
CA LYS B 422 -28.36 -1.94 24.02
C LYS B 422 -28.37 -0.56 23.35
N TYR B 423 -29.26 -0.42 22.37
CA TYR B 423 -29.33 0.77 21.54
C TYR B 423 -30.59 0.77 20.69
N ASP B 424 -31.05 1.95 20.26
CA ASP B 424 -32.12 2.05 19.27
C ASP B 424 -31.56 1.68 17.90
N SER B 425 -32.09 0.59 17.33
CA SER B 425 -31.66 0.10 16.04
C SER B 425 -32.50 0.66 14.89
N GLY B 426 -33.12 1.82 15.10
CA GLY B 426 -33.80 2.52 14.03
C GLY B 426 -32.81 3.23 13.11
N LYS B 427 -31.55 3.31 13.55
CA LYS B 427 -30.49 3.98 12.82
C LYS B 427 -29.28 3.09 12.76
N PHE B 428 -28.38 3.34 11.80
CA PHE B 428 -27.14 2.60 11.68
C PHE B 428 -26.27 2.86 12.89
N VAL B 429 -25.69 1.80 13.44
CA VAL B 429 -24.89 1.90 14.66
C VAL B 429 -23.49 1.39 14.39
N LYS B 430 -22.48 2.14 14.81
CA LYS B 430 -21.13 1.60 14.85
C LYS B 430 -20.30 2.23 15.94
N PHE B 431 -19.59 1.38 16.68
CA PHE B 431 -18.53 1.84 17.57
C PHE B 431 -17.33 0.93 17.34
N ASP B 432 -16.15 1.46 17.63
CA ASP B 432 -14.90 0.76 17.38
C ASP B 432 -14.27 0.33 18.68
N VAL B 433 -13.50 -0.75 18.61
CA VAL B 433 -12.92 -1.37 19.79
C VAL B 433 -11.42 -1.38 19.68
N PHE B 434 -10.76 -0.81 20.68
CA PHE B 434 -9.32 -0.85 20.79
C PHE B 434 -8.92 -1.53 22.08
N VAL B 435 -7.85 -2.29 22.00
CA VAL B 435 -7.36 -3.07 23.13
C VAL B 435 -5.89 -2.72 23.36
N ASN B 436 -5.60 -2.33 24.61
CA ASN B 436 -4.24 -2.03 25.04
C ASN B 436 -3.57 -0.97 24.19
N ASP B 437 -4.34 0.09 23.91
CA ASP B 437 -3.81 1.30 23.30
C ASP B 437 -3.06 2.09 24.37
N LYS B 438 -1.74 2.12 24.22
CA LYS B 438 -0.91 2.90 25.13
C LYS B 438 0.22 3.60 24.39
N LEU B 439 -0.14 4.27 23.32
CA LEU B 439 0.81 5.01 22.50
C LEU B 439 1.23 6.32 23.16
N LYS B 440 2.50 6.67 22.98
CA LYS B 440 3.01 7.96 23.41
C LYS B 440 2.41 9.05 22.54
N ASP B 441 2.42 10.28 23.04
CA ASP B 441 2.00 11.42 22.24
C ASP B 441 2.80 11.46 20.95
N GLY B 442 2.12 11.70 19.83
CA GLY B 442 2.80 11.96 18.58
C GLY B 442 3.08 10.73 17.75
N VAL B 443 2.81 9.55 18.29
CA VAL B 443 2.98 8.32 17.52
C VAL B 443 2.01 8.32 16.38
N PHE B 444 2.52 8.06 15.17
CA PHE B 444 1.70 8.01 13.99
C PHE B 444 0.77 6.80 14.00
N THR B 445 -0.50 7.04 13.72
CA THR B 445 -1.50 5.99 13.71
C THR B 445 -2.11 5.79 12.34
N THR B 446 -2.67 4.61 12.14
CA THR B 446 -3.38 4.26 10.93
C THR B 446 -4.71 3.64 11.34
N PRO B 447 -5.66 3.51 10.40
CA PRO B 447 -6.95 2.87 10.69
C PRO B 447 -6.89 1.35 10.85
N CYS B 448 -5.71 0.75 10.67
CA CYS B 448 -5.56 -0.68 10.88
C CYS B 448 -4.33 -0.99 11.72
N ASP B 449 -4.22 -0.28 12.83
CA ASP B 449 -3.15 -0.49 13.81
C ASP B 449 -3.37 -1.78 14.57
N PRO B 450 -2.30 -2.33 15.16
CA PRO B 450 -2.45 -3.59 15.91
C PRO B 450 -3.38 -3.49 17.13
N GLU B 451 -3.62 -2.30 17.66
CA GLU B 451 -4.51 -2.16 18.81
C GLU B 451 -5.98 -2.27 18.44
N TYR B 452 -6.28 -2.20 17.15
CA TYR B 452 -7.65 -2.22 16.65
C TYR B 452 -8.19 -3.64 16.64
N ALA B 453 -9.10 -3.94 17.56
CA ALA B 453 -9.74 -5.26 17.60
C ALA B 453 -10.79 -5.39 16.49
N GLY B 454 -11.34 -4.26 16.07
CA GLY B 454 -12.41 -4.24 15.09
C GLY B 454 -13.54 -3.39 15.62
N GLY B 455 -14.67 -3.41 14.93
CA GLY B 455 -15.83 -2.63 15.35
C GLY B 455 -17.05 -3.50 15.55
N PHE B 456 -18.05 -2.94 16.23
CA PHE B 456 -19.39 -3.51 16.19
C PHE B 456 -20.21 -2.59 15.33
N ALA B 457 -20.69 -3.10 14.21
CA ALA B 457 -21.46 -2.31 13.27
C ALA B 457 -22.76 -3.03 13.01
N GLN B 458 -23.84 -2.26 12.89
CA GLN B 458 -25.16 -2.84 12.80
C GLN B 458 -26.09 -2.00 11.93
N ILE B 459 -26.43 -2.56 10.77
CA ILE B 459 -27.49 -2.04 9.92
C ILE B 459 -28.79 -2.05 10.72
N PRO B 460 -29.70 -1.10 10.45
CA PRO B 460 -30.91 -1.06 11.27
C PRO B 460 -31.72 -2.37 11.24
N HIS B 461 -32.24 -2.77 12.40
CA HIS B 461 -33.03 -4.00 12.49
C HIS B 461 -33.88 -4.01 13.78
N ASN B 462 -34.35 -2.82 14.15
CA ASN B 462 -35.27 -2.69 15.28
C ASN B 462 -36.53 -3.54 15.06
N ASP B 463 -36.89 -4.33 16.06
CA ASP B 463 -38.02 -5.24 15.95
C ASP B 463 -39.35 -4.49 15.94
N VAL B 468 -35.38 -0.62 21.58
CA VAL B 468 -34.10 -1.17 22.00
C VAL B 468 -33.86 -2.58 21.47
N MET B 469 -32.72 -2.78 20.81
CA MET B 469 -32.22 -4.12 20.46
C MET B 469 -30.99 -4.40 21.31
N THR B 470 -30.62 -5.68 21.44
CA THR B 470 -29.54 -6.09 22.34
C THR B 470 -28.58 -7.05 21.63
N SER B 471 -27.31 -6.69 21.57
CA SER B 471 -26.33 -7.41 20.76
C SER B 471 -25.13 -7.93 21.54
N THR B 472 -24.31 -8.72 20.85
CA THR B 472 -23.07 -9.26 21.40
C THR B 472 -21.99 -9.30 20.33
N ALA B 473 -20.79 -8.85 20.70
CA ALA B 473 -19.64 -8.88 19.81
C ALA B 473 -18.51 -9.72 20.42
N ARG B 474 -17.77 -10.41 19.56
CA ARG B 474 -16.66 -11.28 19.95
C ARG B 474 -15.41 -10.89 19.18
N PHE B 475 -14.33 -10.58 19.88
CA PHE B 475 -13.07 -10.20 19.26
C PHE B 475 -11.94 -11.11 19.69
N GLY B 476 -11.15 -11.59 18.73
CA GLY B 476 -10.04 -12.49 19.05
C GLY B 476 -8.82 -11.70 19.49
N LEU B 477 -8.16 -12.15 20.55
CA LEU B 477 -7.02 -11.43 21.12
C LEU B 477 -5.68 -12.15 21.06
N ASN B 478 -5.65 -13.41 20.62
CA ASN B 478 -4.39 -14.16 20.57
C ASN B 478 -3.28 -13.40 19.85
N GLU B 479 -3.58 -12.89 18.67
CA GLU B 479 -2.60 -12.08 17.94
C GLU B 479 -2.40 -10.70 18.57
N LEU B 480 -3.51 -10.02 18.85
CA LEU B 480 -3.45 -8.62 19.29
C LEU B 480 -2.60 -8.42 20.54
N LEU B 481 -2.73 -9.31 21.51
CA LEU B 481 -1.96 -9.18 22.74
C LEU B 481 -0.47 -9.31 22.46
N GLU B 482 -0.11 -10.20 21.53
CA GLU B 482 1.28 -10.27 21.09
C GLU B 482 1.68 -9.00 20.37
N ASP B 483 0.83 -8.55 19.45
CA ASP B 483 1.13 -7.38 18.62
C ASP B 483 1.29 -6.11 19.46
N THR B 484 0.72 -6.10 20.65
CA THR B 484 0.80 -4.90 21.50
C THR B 484 1.75 -5.10 22.69
N ASN B 485 2.44 -6.24 22.73
CA ASN B 485 3.38 -6.55 23.80
C ASN B 485 2.73 -6.58 25.17
N THR B 486 1.52 -7.11 25.26
CA THR B 486 0.77 -7.08 26.52
C THR B 486 0.35 -8.47 27.01
N GLU B 487 1.01 -9.51 26.51
CA GLU B 487 0.62 -10.89 26.85
C GLU B 487 0.83 -11.22 28.33
N GLY B 488 1.70 -10.46 28.98
CA GLY B 488 2.00 -10.70 30.38
C GLY B 488 1.16 -9.89 31.36
N GLU B 489 0.39 -8.93 30.86
CA GLU B 489 -0.36 -8.03 31.72
C GLU B 489 -1.70 -8.65 32.14
N GLU B 490 -1.97 -8.64 33.45
CA GLU B 490 -3.16 -9.26 34.03
C GLU B 490 -4.46 -8.73 33.44
N TYR B 491 -4.50 -7.43 33.17
CA TYR B 491 -5.68 -6.80 32.61
C TYR B 491 -5.46 -6.38 31.15
N ALA B 492 -6.54 -6.36 30.38
CA ALA B 492 -6.53 -5.74 29.06
C ALA B 492 -7.35 -4.47 29.14
N THR B 493 -6.78 -3.37 28.68
CA THR B 493 -7.51 -2.11 28.69
C THR B 493 -8.30 -1.97 27.40
N VAL B 494 -9.61 -1.97 27.55
CA VAL B 494 -10.54 -1.93 26.43
C VAL B 494 -11.12 -0.53 26.26
N THR B 495 -10.93 0.02 25.07
CA THR B 495 -11.47 1.33 24.71
C THR B 495 -12.57 1.19 23.67
N LEU B 496 -13.74 1.72 23.98
CA LEU B 496 -14.85 1.76 23.04
C LEU B 496 -15.05 3.17 22.52
N VAL B 497 -15.00 3.31 21.20
CA VAL B 497 -15.09 4.61 20.56
C VAL B 497 -16.34 4.70 19.70
N PRO B 498 -17.33 5.49 20.13
CA PRO B 498 -18.55 5.64 19.35
C PRO B 498 -18.23 6.29 18.02
N ARG B 499 -18.82 5.80 16.93
CA ARG B 499 -18.61 6.41 15.63
C ARG B 499 -19.89 7.04 15.13
N THR B 500 -20.98 6.29 15.18
CA THR B 500 -22.28 6.84 14.82
C THR B 500 -23.41 6.06 15.49
N GLY B 501 -24.49 6.78 15.79
CA GLY B 501 -25.69 6.15 16.34
C GLY B 501 -25.55 5.60 17.75
N CYS B 502 -24.51 6.01 18.47
CA CYS B 502 -24.26 5.49 19.82
C CYS B 502 -24.76 6.43 20.91
N GLU B 503 -25.49 7.47 20.53
CA GLU B 503 -25.92 8.51 21.48
C GLU B 503 -26.74 7.93 22.64
N ASP B 504 -27.52 6.89 22.33
CA ASP B 504 -28.39 6.23 23.29
C ASP B 504 -27.92 4.82 23.60
N LEU B 505 -26.80 4.42 23.01
CA LEU B 505 -26.34 3.05 23.14
C LEU B 505 -25.77 2.76 24.52
N THR B 506 -25.96 1.52 24.96
CA THR B 506 -25.53 1.07 26.27
C THR B 506 -24.83 -0.28 26.21
N VAL B 507 -23.79 -0.47 27.03
CA VAL B 507 -23.11 -1.76 27.11
C VAL B 507 -23.16 -2.32 28.54
N GLY B 508 -23.73 -3.52 28.67
CA GLY B 508 -24.05 -4.08 29.97
C GLY B 508 -23.04 -5.06 30.54
N GLU B 509 -22.16 -5.59 29.71
CA GLU B 509 -21.16 -6.55 30.18
C GLU B 509 -19.95 -6.65 29.25
N ILE B 510 -18.76 -6.70 29.86
CA ILE B 510 -17.51 -6.86 29.12
C ILE B 510 -16.64 -7.88 29.87
N LYS B 511 -16.19 -8.90 29.16
CA LYS B 511 -15.35 -9.92 29.78
C LYS B 511 -14.48 -10.62 28.75
N ILE B 512 -13.49 -11.36 29.25
CA ILE B 512 -12.60 -12.13 28.39
C ILE B 512 -12.62 -13.58 28.83
N GLU B 513 -12.80 -14.48 27.86
CA GLU B 513 -12.85 -15.91 28.10
C GLU B 513 -11.91 -16.68 27.19
N LEU B 514 -11.41 -17.80 27.68
CA LEU B 514 -10.68 -18.74 26.84
C LEU B 514 -11.69 -19.67 26.16
N VAL B 515 -11.63 -19.72 24.84
CA VAL B 515 -12.56 -20.49 24.05
C VAL B 515 -11.83 -21.63 23.35
N PRO B 516 -12.10 -22.90 23.73
CA PRO B 516 -11.46 -24.05 23.08
C PRO B 516 -11.65 -24.02 21.57
N ILE B 517 -10.59 -24.31 20.82
CA ILE B 517 -10.67 -24.33 19.36
C ILE B 517 -11.28 -25.67 18.92
N PRO B 518 -12.41 -25.63 18.20
CA PRO B 518 -13.05 -26.89 17.79
C PRO B 518 -12.25 -27.62 16.72
N LYS B 519 -12.37 -28.95 16.70
CA LYS B 519 -11.66 -29.80 15.76
C LYS B 519 -12.62 -30.74 15.06
CU CU C . 24.46 12.67 -12.71
CU CU D . 21.78 10.67 -12.00
O O E . 23.33 11.44 -13.23
O O F . 23.61 11.24 -11.29
C1 GOL G . 24.00 3.79 1.83
O1 GOL G . 24.05 4.89 2.70
C2 GOL G . 24.99 4.00 0.69
O2 GOL G . 26.24 4.41 1.19
C3 GOL G . 25.16 2.73 -0.12
O3 GOL G . 24.02 2.59 -0.93
H11 GOL G . 24.26 2.88 2.37
H12 GOL G . 23.00 3.67 1.44
HO1 GOL G . 23.39 4.78 3.41
H2 GOL G . 24.59 4.78 0.04
HO2 GOL G . 26.60 3.70 1.76
H31 GOL G . 26.05 2.80 -0.74
H32 GOL G . 25.26 1.88 0.55
HO3 GOL G . 24.28 2.25 -1.81
C1 GOL H . 13.08 -5.89 -17.85
O1 GOL H . 13.35 -4.96 -18.86
C2 GOL H . 14.30 -6.77 -17.72
O2 GOL H . 15.45 -5.98 -17.95
C3 GOL H . 14.33 -7.38 -16.34
O3 GOL H . 13.10 -8.03 -16.13
H11 GOL H . 12.87 -5.39 -16.90
H12 GOL H . 12.21 -6.50 -18.11
HO1 GOL H . 12.55 -4.41 -19.02
H2 GOL H . 14.25 -7.56 -18.47
HO2 GOL H . 15.50 -5.26 -17.28
H31 GOL H . 15.14 -8.09 -16.25
H32 GOL H . 14.47 -6.60 -15.59
HO3 GOL H . 12.71 -8.28 -16.99
O1 TEW I . -2.66 14.44 -2.51
O2 TEW I . -4.27 13.56 -4.28
O3 TEW I . -3.02 16.14 -4.38
O4 TEW I . -5.37 14.32 -2.03
O5 TEW I . -5.76 16.13 -4.20
O6 TEW I . -4.31 16.81 -2.01
O7 TEW I . -1.48 13.83 -4.82
O8 TEW I . -1.11 16.98 -2.42
O9 TEW I . -0.27 16.39 -4.98
O10 TEW I . 0.21 14.65 -3.05
O11 TEW I . -2.59 11.27 -4.67
O12 TEW I . -1.26 12.38 -2.47
O13 TEW I . -3.74 11.89 -2.35
O14 TEW I . -5.45 11.02 -3.93
O15 TEW I . -7.17 13.23 -3.87
O16 TEW I . -6.53 11.95 -1.52
O17 TEW I . 0.97 11.40 -0.63
O18 TEW I . -0.13 13.90 -0.28
O19 TEW I . 2.16 13.93 -1.51
O20 TEW I . -2.09 9.63 -2.86
O21 TEW I . -1.44 10.68 -0.01
O22 TEW I . 0.00 8.90 -1.08
O23 TEW I . -3.97 8.75 -4.67
O31 TEW I . -4.68 9.12 -2.06
TE1 TEW I . -2.59 12.85 -3.60
W1 TEW I . -4.47 15.57 -3.19
W2 TEW I . -1.22 15.75 -3.68
W3 TEW I . -5.83 12.65 -2.95
W4 TEW I . 0.63 13.25 -1.64
W5 TEW I . -0.75 10.35 -1.50
W6 TEW I . -3.92 9.92 -3.40
O1 TEW J . 2.03 41.73 -13.81
O2 TEW J . 0.48 42.81 -12.03
O3 TEW J . -0.42 41.80 -14.51
O4 TEW J . 1.90 44.51 -13.26
O5 TEW J . -0.79 44.43 -14.09
O6 TEW J . 1.25 43.69 -15.79
O7 TEW J . 0.52 40.01 -12.57
O8 TEW J . 1.28 40.60 -16.37
O9 TEW J . -0.66 39.11 -15.09
O10 TEW J . 2.02 38.95 -14.34
O11 TEW J . 1.48 40.97 -10.10
O12 TEW J . 3.03 39.92 -11.90
O13 TEW J . 3.00 42.69 -11.36
O14 TEW J . 1.51 43.77 -9.61
O15 TEW J . 0.33 45.64 -11.26
O16 TEW J . 3.08 45.60 -11.07
O17 TEW J . 1.62 38.20 -10.69
O18 TEW J . 3.23 37.09 -12.69
O19 TEW J . 0.48 37.10 -12.89
O20 TEW J . 3.92 40.90 -9.41
O21 TEW J . 4.29 38.27 -9.86
O22 TEW J . 2.25 38.99 -8.16
O23 TEW J . 2.24 42.12 -7.55
O31 TEW J . 4.19 43.59 -8.85
TE1 TEW J . 1.76 41.35 -11.96
W1 TEW J . 0.61 43.43 -14.21
W2 TEW J . 0.64 40.20 -14.80
W3 TEW J . 1.68 44.59 -11.32
W4 TEW J . 1.85 38.13 -12.62
W5 TEW J . 2.90 39.28 -9.72
W6 TEW J . 2.88 42.50 -9.14
W W K . -1.26 -7.78 -9.14
CU CU L . -28.83 -9.62 3.98
CU CU M . -26.00 -7.85 3.42
O O N . -27.82 -7.83 3.43
O O O . -27.20 -9.11 4.67
C1 GOL P . -17.16 -7.78 15.52
O1 GOL P . -18.17 -7.06 14.85
C2 GOL P . -17.45 -9.26 15.37
O2 GOL P . -16.27 -10.06 15.44
C3 GOL P . -18.45 -9.64 16.45
O3 GOL P . -18.42 -11.01 16.67
H11 GOL P . -16.19 -7.53 15.09
H12 GOL P . -17.15 -7.50 16.58
HO1 GOL P . -18.04 -6.10 14.99
H2 GOL P . -17.92 -9.42 14.41
HO2 GOL P . -15.85 -9.94 16.32
H31 GOL P . -18.21 -9.11 17.38
H32 GOL P . -19.45 -9.33 16.15
HO3 GOL P . -19.33 -11.34 16.77
W W Q . -2.98 -8.94 -6.49
W W R . -1.07 -9.06 -12.04
W W S . -3.73 -10.30 -13.41
W W T . -7.24 -10.67 -10.04
W W U . -5.13 -11.69 -7.28
TE TE V . -3.83 -9.08 -10.07
W W W . -5.92 -7.76 -11.83
#